data_7F21
#
_entry.id   7F21
#
_cell.length_a   132.781
_cell.length_b   132.781
_cell.length_c   92.070
_cell.angle_alpha   90.00
_cell.angle_beta   90.00
_cell.angle_gamma   90.00
#
_symmetry.space_group_name_H-M   'I 4'
#
loop_
_entity.id
_entity.type
_entity.pdbx_description
1 polymer 'L-lactate oxidase'
2 non-polymer 'FLAVIN MONONUCLEOTIDE'
3 non-polymer 'LACTIC ACID'
4 water water
#
_entity_poly.entity_id   1
_entity_poly.type   'polypeptide(L)'
_entity_poly.pdbx_seq_one_letter_code
;EYNAPSEIKYIDVVNTYDLEEEASKVVPHGGFNYIAGASGDEWTKRANDRAWKHKLLYPRLAQDVEAPDTSTEILGHKIK
APFIMAPIAAHGLAHTTKEAGTARAVSEFGTIMSISAYSGATFEEISEGLNGGPRWFQIYMAKDDQQNRDILDEAKSDGA
TAIILTADSTNRDYPFGMPIVQRYLRGTAEGMYGASKQKISPRDIEEIAAHSGLPVFVKGIQHPEDADMAIKRGASGIWV
SNHGARQLYEAPGSFDTLPAIAERVNKRVPIVFDSGVRRGEHVAKALASGADVVALGRPVLFGLALGGWQGAYSVLDYFQ
KDLTRVMQLTGSQNVEDLKGLDLFDNPYGYEYEYNAPSEIKYIDVVNTYDLEEEASKVVPHGGFNYIAGASGDEWTKRAN
DRAWKHKLLYPRLAQDVEAPDTSTEILGHKIKAPFIMAPIAAHGLAHTTKEAGTARAVSEFGTIMSISAYSGATFEEISE
GLNGGPRWFQIYMAKDDQQNRDILDEAKSDGATAIILTADSTVSGNRDRDVKNKFVYPFGMPIVQRYLRGTAEGMSLNNI
YGASKQKISPRDIEEIAAHSGLPVFVKGIQHPEDADMAIKRGASGIWVSNHGARQLYEAPGSFDTLPAIAERVNKRVPIV
FDSGVRRGEHVAKALASGADVVALGRPVLFGLALGGWQGAYSVLDYFQKDLTRVMQLTGSQNVEDLKGLDLFDNPYGYEY
;
_entity_poly.pdbx_strand_id   A,B
#
# COMPACT_ATOMS: atom_id res chain seq x y z
N GLU A 353 24.22 24.41 -37.01
CA GLU A 353 23.20 23.42 -37.46
C GLU A 353 22.03 23.35 -36.44
N TYR A 354 22.28 23.66 -35.16
CA TYR A 354 21.22 23.70 -34.11
C TYR A 354 21.52 24.75 -33.04
N ASN A 355 20.71 25.80 -33.01
CA ASN A 355 20.94 26.98 -32.13
C ASN A 355 19.93 26.93 -30.98
N ALA A 356 20.22 26.12 -29.96
CA ALA A 356 19.34 26.08 -28.77
C ALA A 356 19.46 27.38 -27.98
N PRO A 357 18.41 27.76 -27.25
CA PRO A 357 18.51 28.83 -26.25
C PRO A 357 19.66 28.60 -25.26
N SER A 358 20.22 29.69 -24.72
CA SER A 358 21.36 29.64 -23.78
C SER A 358 21.15 30.55 -22.57
N GLU A 359 20.11 31.35 -22.56
CA GLU A 359 19.84 32.32 -21.45
C GLU A 359 19.53 31.53 -20.19
N ILE A 360 20.04 32.02 -19.06
CA ILE A 360 19.69 31.43 -17.73
C ILE A 360 18.97 32.51 -16.92
N LYS A 361 17.77 32.20 -16.46
CA LYS A 361 16.91 33.18 -15.74
C LYS A 361 15.77 32.44 -15.08
N TYR A 362 15.38 32.89 -13.90
CA TYR A 362 14.11 32.51 -13.27
C TYR A 362 12.98 33.03 -14.16
N ILE A 363 11.87 32.30 -14.12
CA ILE A 363 10.65 32.69 -14.86
C ILE A 363 9.44 32.63 -13.91
N ASP A 364 8.50 33.53 -14.16
CA ASP A 364 7.25 33.64 -13.36
C ASP A 364 6.22 32.69 -13.94
N VAL A 365 6.00 31.54 -13.32
CA VAL A 365 5.11 30.50 -13.93
C VAL A 365 3.68 30.71 -13.40
N VAL A 366 2.76 31.11 -14.28
CA VAL A 366 1.31 31.27 -13.93
C VAL A 366 0.66 29.88 -14.05
N ASN A 367 1.04 29.16 -15.09
CA ASN A 367 0.57 27.76 -15.34
C ASN A 367 1.56 27.12 -16.31
N THR A 368 1.61 25.81 -16.34
CA THR A 368 2.60 25.11 -17.21
C THR A 368 2.13 25.02 -18.65
N TYR A 369 0.85 25.20 -18.95
CA TYR A 369 0.37 25.07 -20.35
C TYR A 369 0.95 26.20 -21.18
N ASP A 370 0.99 27.39 -20.60
CA ASP A 370 1.49 28.60 -21.30
C ASP A 370 2.98 28.40 -21.64
N LEU A 371 3.73 27.53 -20.96
CA LEU A 371 5.18 27.32 -21.26
C LEU A 371 5.38 26.73 -22.65
N GLU A 372 4.43 25.94 -23.14
CA GLU A 372 4.59 25.26 -24.45
C GLU A 372 4.69 26.30 -25.57
N GLU A 373 3.71 27.21 -25.66
CA GLU A 373 3.69 28.29 -26.67
C GLU A 373 4.91 29.15 -26.42
N GLU A 374 5.24 29.45 -25.17
CA GLU A 374 6.40 30.35 -24.94
C GLU A 374 7.68 29.64 -25.43
N ALA A 375 7.86 28.37 -25.10
CA ALA A 375 9.06 27.62 -25.57
C ALA A 375 9.10 27.56 -27.12
N SER A 376 7.95 27.48 -27.81
CA SER A 376 7.87 27.37 -29.28
C SER A 376 8.51 28.61 -29.90
N LYS A 377 8.61 29.71 -29.15
CA LYS A 377 9.20 30.95 -29.72
C LYS A 377 10.73 30.91 -29.63
N VAL A 378 11.34 30.05 -28.83
CA VAL A 378 12.82 30.14 -28.61
C VAL A 378 13.52 28.86 -29.08
N VAL A 379 12.82 27.73 -29.14
CA VAL A 379 13.44 26.45 -29.52
C VAL A 379 13.30 26.28 -31.03
N PRO A 380 14.37 25.85 -31.72
CA PRO A 380 14.27 25.60 -33.16
C PRO A 380 13.06 24.68 -33.46
N HIS A 381 12.44 24.92 -34.61
CA HIS A 381 11.17 24.27 -35.01
C HIS A 381 11.25 22.74 -34.91
N GLY A 382 12.25 22.09 -35.47
CA GLY A 382 12.34 20.63 -35.42
C GLY A 382 12.42 20.13 -34.00
N GLY A 383 13.34 20.67 -33.21
CA GLY A 383 13.54 20.23 -31.82
C GLY A 383 12.28 20.47 -31.01
N PHE A 384 11.66 21.62 -31.18
CA PHE A 384 10.47 21.98 -30.39
C PHE A 384 9.38 20.93 -30.65
N ASN A 385 9.16 20.60 -31.93
CA ASN A 385 8.10 19.66 -32.31
C ASN A 385 8.45 18.25 -31.84
N TYR A 386 9.73 17.87 -31.80
CA TYR A 386 10.18 16.61 -31.19
C TYR A 386 9.76 16.55 -29.73
N ILE A 387 9.96 17.64 -29.01
CA ILE A 387 9.63 17.69 -27.56
C ILE A 387 8.10 17.70 -27.39
N ALA A 388 7.40 18.55 -28.11
CA ALA A 388 5.96 18.83 -27.85
C ALA A 388 5.10 17.70 -28.43
N GLY A 389 5.52 17.10 -29.54
CA GLY A 389 4.60 16.24 -30.31
C GLY A 389 4.33 14.89 -29.69
N ALA A 390 3.44 14.13 -30.33
CA ALA A 390 2.99 12.83 -29.80
C ALA A 390 2.44 12.03 -30.98
N SER A 391 2.00 10.82 -30.74
CA SER A 391 1.68 9.86 -31.82
C SER A 391 0.38 10.26 -32.50
N GLY A 392 0.31 9.92 -33.79
CA GLY A 392 -0.89 10.19 -34.58
C GLY A 392 -1.30 11.63 -34.61
N ASP A 393 -2.60 11.92 -34.38
CA ASP A 393 -3.10 13.30 -34.32
C ASP A 393 -3.07 13.79 -32.88
N GLU A 394 -2.38 13.08 -31.99
CA GLU A 394 -2.15 13.50 -30.58
C GLU A 394 -3.41 13.31 -29.71
N TRP A 395 -4.39 12.54 -30.20
CA TRP A 395 -5.64 12.28 -29.42
C TRP A 395 -5.27 11.69 -28.06
N THR A 396 -4.27 10.81 -27.97
CA THR A 396 -3.94 10.19 -26.66
C THR A 396 -3.15 11.19 -25.81
N LYS A 397 -2.44 12.17 -26.39
CA LYS A 397 -1.82 13.22 -25.54
C LYS A 397 -2.94 14.08 -24.96
N ARG A 398 -3.95 14.40 -25.75
CA ARG A 398 -5.13 15.15 -25.24
C ARG A 398 -5.83 14.29 -24.20
N ALA A 399 -5.91 12.98 -24.37
CA ALA A 399 -6.56 12.11 -23.38
C ALA A 399 -5.78 12.17 -22.06
N ASN A 400 -4.44 12.13 -22.13
CA ASN A 400 -3.62 12.26 -20.90
C ASN A 400 -4.09 13.51 -20.14
N ASP A 401 -4.29 14.61 -20.84
CA ASP A 401 -4.68 15.88 -20.19
C ASP A 401 -6.13 15.85 -19.69
N ARG A 402 -7.06 15.36 -20.50
CA ARG A 402 -8.51 15.46 -20.18
C ARG A 402 -8.81 14.40 -19.11
N ALA A 403 -7.97 13.40 -18.94
CA ALA A 403 -8.26 12.33 -17.95
C ALA A 403 -8.36 12.95 -16.53
N TRP A 404 -7.67 14.03 -16.27
CA TRP A 404 -7.66 14.70 -14.93
C TRP A 404 -9.06 15.21 -14.61
N LYS A 405 -9.90 15.45 -15.64
CA LYS A 405 -11.27 15.92 -15.37
C LYS A 405 -12.19 14.76 -15.06
N HIS A 406 -11.74 13.52 -15.15
CA HIS A 406 -12.59 12.34 -14.82
C HIS A 406 -12.79 12.13 -13.34
N LYS A 407 -11.87 12.63 -12.51
CA LYS A 407 -11.87 12.42 -11.05
C LYS A 407 -11.57 13.79 -10.47
N LEU A 408 -12.52 14.36 -9.74
CA LEU A 408 -12.43 15.77 -9.31
C LEU A 408 -12.19 15.88 -7.81
N LEU A 409 -11.42 16.86 -7.40
CA LEU A 409 -11.09 17.05 -5.99
C LEU A 409 -12.25 17.72 -5.27
N TYR A 410 -12.45 17.34 -4.01
CA TYR A 410 -13.35 18.10 -3.11
C TYR A 410 -12.57 19.08 -2.26
N PRO A 411 -13.03 20.35 -2.16
CA PRO A 411 -12.55 21.25 -1.10
C PRO A 411 -13.06 20.64 0.18
N ARG A 412 -12.27 20.80 1.25
CA ARG A 412 -12.70 20.32 2.55
C ARG A 412 -12.44 21.47 3.52
N LEU A 413 -13.38 21.68 4.44
CA LEU A 413 -13.43 22.89 5.32
C LEU A 413 -13.24 22.50 6.80
N ALA A 414 -12.75 23.45 7.61
CA ALA A 414 -12.46 23.27 9.05
C ALA A 414 -11.68 21.98 9.31
N GLN A 415 -10.61 21.76 8.56
CA GLN A 415 -9.82 20.52 8.62
C GLN A 415 -8.64 20.68 9.58
N ASP A 416 -8.51 21.84 10.22
CA ASP A 416 -7.43 22.10 11.22
C ASP A 416 -6.04 21.92 10.54
N VAL A 417 -5.87 22.54 9.38
CA VAL A 417 -4.64 22.40 8.54
C VAL A 417 -4.05 23.79 8.34
N GLU A 418 -2.72 23.86 8.35
CA GLU A 418 -2.01 25.13 8.06
C GLU A 418 -0.60 24.74 7.59
N ALA A 419 -0.07 25.44 6.59
CA ALA A 419 1.32 25.29 6.10
C ALA A 419 1.60 23.82 5.82
N PRO A 420 0.93 23.24 4.81
CA PRO A 420 1.13 21.84 4.49
C PRO A 420 2.60 21.55 4.17
N ASP A 421 2.97 20.32 4.43
CA ASP A 421 4.33 19.79 4.22
C ASP A 421 4.30 18.91 2.95
N THR A 422 4.98 19.33 1.90
CA THR A 422 5.00 18.53 0.64
C THR A 422 6.05 17.42 0.67
N SER A 423 6.82 17.27 1.75
CA SER A 423 7.94 16.32 1.65
C SER A 423 7.47 14.86 1.65
N THR A 424 8.27 13.99 1.08
CA THR A 424 7.99 12.53 1.12
C THR A 424 9.31 11.76 0.93
N GLU A 425 9.19 10.47 0.96
CA GLU A 425 10.38 9.57 0.87
C GLU A 425 10.07 8.53 -0.18
N ILE A 426 11.06 8.16 -1.00
CA ILE A 426 10.91 7.02 -1.90
C ILE A 426 12.26 6.31 -2.00
N LEU A 427 12.25 5.02 -1.71
CA LEU A 427 13.44 4.14 -1.88
C LEU A 427 14.64 4.77 -1.18
N GLY A 428 14.42 5.21 0.04
CA GLY A 428 15.45 5.74 0.95
C GLY A 428 15.88 7.16 0.62
N HIS A 429 15.15 7.88 -0.23
CA HIS A 429 15.48 9.29 -0.57
C HIS A 429 14.39 10.20 0.02
N LYS A 430 14.72 11.10 0.95
CA LYS A 430 13.78 12.17 1.36
C LYS A 430 13.82 13.24 0.27
N ILE A 431 12.65 13.61 -0.26
CA ILE A 431 12.56 14.61 -1.35
C ILE A 431 11.56 15.69 -0.95
N LYS A 432 11.69 16.86 -1.54
CA LYS A 432 11.02 18.08 -1.11
C LYS A 432 9.52 17.99 -1.39
N ALA A 433 9.14 17.28 -2.45
CA ALA A 433 7.76 17.19 -2.95
C ALA A 433 7.62 15.85 -3.62
N PRO A 434 6.38 15.33 -3.78
CA PRO A 434 6.20 13.97 -4.30
C PRO A 434 6.22 13.89 -5.84
N PHE A 435 7.28 14.49 -6.39
CA PHE A 435 7.56 14.46 -7.84
C PHE A 435 9.05 14.37 -8.07
N ILE A 436 9.39 13.66 -9.12
CA ILE A 436 10.79 13.45 -9.57
C ILE A 436 10.90 13.92 -11.02
N MET A 437 12.11 13.94 -11.57
CA MET A 437 12.28 14.30 -13.00
C MET A 437 12.19 13.02 -13.82
N ALA A 438 11.35 13.05 -14.86
CA ALA A 438 11.25 11.89 -15.77
C ALA A 438 12.50 11.80 -16.61
N PRO A 439 12.86 10.58 -17.06
CA PRO A 439 13.98 10.43 -17.99
C PRO A 439 13.54 10.96 -19.35
N ILE A 440 14.26 11.95 -19.86
CA ILE A 440 13.98 12.59 -21.17
C ILE A 440 15.29 12.67 -21.94
N ALA A 441 15.29 12.26 -23.18
CA ALA A 441 16.50 12.27 -24.01
C ALA A 441 16.88 13.69 -24.41
N ALA A 442 18.15 13.90 -24.73
CA ALA A 442 18.57 15.00 -25.63
C ALA A 442 18.08 16.40 -25.14
N HIS A 443 18.44 16.78 -23.91
CA HIS A 443 17.98 18.06 -23.30
C HIS A 443 18.61 19.20 -24.11
N GLY A 444 19.71 18.92 -24.81
CA GLY A 444 20.31 19.99 -25.63
C GLY A 444 19.41 20.48 -26.75
N LEU A 445 18.33 19.77 -27.07
CA LEU A 445 17.32 20.33 -28.00
C LEU A 445 16.59 21.54 -27.40
N ALA A 446 16.54 21.60 -26.07
CA ALA A 446 15.84 22.70 -25.35
C ALA A 446 16.83 23.80 -24.94
N HIS A 447 18.04 23.46 -24.55
CA HIS A 447 18.95 24.48 -23.96
C HIS A 447 20.40 24.03 -24.09
N THR A 448 21.31 24.95 -24.34
CA THR A 448 22.74 24.59 -24.51
C THR A 448 23.33 23.92 -23.25
N THR A 449 22.82 24.18 -22.04
CA THR A 449 23.33 23.57 -20.79
C THR A 449 22.79 22.15 -20.63
N LYS A 450 21.85 21.77 -21.49
CA LYS A 450 21.37 20.38 -21.66
C LYS A 450 21.12 19.69 -20.32
N GLU A 451 21.50 18.43 -20.15
CA GLU A 451 21.09 17.61 -19.01
C GLU A 451 21.76 18.21 -17.77
N ALA A 452 22.89 18.91 -17.92
CA ALA A 452 23.59 19.49 -16.73
C ALA A 452 22.67 20.58 -16.14
N GLY A 453 21.99 21.36 -17.00
CA GLY A 453 21.06 22.38 -16.55
C GLY A 453 19.90 21.73 -15.82
N THR A 454 19.28 20.74 -16.43
CA THR A 454 18.14 20.05 -15.76
C THR A 454 18.60 19.48 -14.42
N ALA A 455 19.76 18.82 -14.39
CA ALA A 455 20.28 18.18 -13.18
C ALA A 455 20.49 19.23 -12.08
N ARG A 456 20.99 20.41 -12.43
CA ARG A 456 21.23 21.47 -11.44
C ARG A 456 19.88 21.96 -10.88
N ALA A 457 18.87 22.08 -11.74
CA ALA A 457 17.53 22.49 -11.26
C ALA A 457 17.03 21.44 -10.28
N VAL A 458 17.09 20.19 -10.66
CA VAL A 458 16.51 19.08 -9.86
C VAL A 458 17.23 18.97 -8.52
N SER A 459 18.57 18.98 -8.51
CA SER A 459 19.35 18.87 -7.26
C SER A 459 19.12 20.12 -6.41
N GLU A 460 19.07 21.32 -7.00
CA GLU A 460 18.86 22.59 -6.25
C GLU A 460 17.49 22.53 -5.58
N PHE A 461 16.50 21.97 -6.27
CA PHE A 461 15.13 21.91 -5.75
C PHE A 461 15.05 20.89 -4.65
N GLY A 462 15.70 19.77 -4.78
CA GLY A 462 15.60 18.70 -3.78
C GLY A 462 14.77 17.51 -4.19
N THR A 463 14.97 16.98 -5.38
CA THR A 463 14.31 15.72 -5.72
C THR A 463 15.27 14.88 -6.57
N ILE A 464 14.77 13.81 -7.15
CA ILE A 464 15.56 12.80 -7.86
C ILE A 464 15.61 13.12 -9.33
N MET A 465 16.81 13.04 -9.92
CA MET A 465 17.08 13.16 -11.35
C MET A 465 17.07 11.78 -11.99
N SER A 466 16.25 11.60 -13.02
CA SER A 466 16.29 10.40 -13.88
C SER A 466 17.13 10.73 -15.09
N ILE A 467 18.14 9.89 -15.36
CA ILE A 467 19.06 10.12 -16.51
C ILE A 467 18.63 9.19 -17.63
N SER A 468 18.35 9.79 -18.78
CA SER A 468 18.00 9.02 -20.00
C SER A 468 19.28 8.37 -20.53
N ALA A 469 19.17 7.12 -20.95
CA ALA A 469 20.25 6.44 -21.73
C ALA A 469 20.54 7.24 -23.03
N TYR A 470 19.60 8.04 -23.50
CA TYR A 470 19.77 8.85 -24.74
C TYR A 470 20.09 10.31 -24.40
N SER A 471 20.74 10.53 -23.24
CA SER A 471 21.29 11.85 -22.86
C SER A 471 22.29 12.32 -23.93
N GLY A 472 22.30 13.61 -24.23
CA GLY A 472 23.37 14.26 -25.01
C GLY A 472 24.57 14.68 -24.14
N ALA A 473 24.47 14.49 -22.85
CA ALA A 473 25.54 14.84 -21.89
C ALA A 473 26.16 13.56 -21.38
N THR A 474 27.46 13.61 -21.03
CA THR A 474 28.13 12.46 -20.39
C THR A 474 27.70 12.39 -18.93
N PHE A 475 27.89 11.24 -18.30
CA PHE A 475 27.67 11.06 -16.84
C PHE A 475 28.49 12.11 -16.08
N GLU A 476 29.72 12.44 -16.54
CA GLU A 476 30.60 13.43 -15.88
C GLU A 476 29.94 14.81 -15.92
N GLU A 477 29.40 15.20 -17.08
CA GLU A 477 28.74 16.49 -17.27
C GLU A 477 27.46 16.58 -16.42
N ILE A 478 26.70 15.50 -16.35
CA ILE A 478 25.46 15.49 -15.52
C ILE A 478 25.86 15.55 -14.03
N SER A 479 26.91 14.82 -13.64
CA SER A 479 27.34 14.70 -12.23
C SER A 479 27.74 16.07 -11.68
N GLU A 480 28.32 16.93 -12.54
CA GLU A 480 28.75 18.30 -12.21
C GLU A 480 27.49 19.11 -11.90
N GLY A 481 26.44 18.98 -12.73
CA GLY A 481 25.16 19.66 -12.47
C GLY A 481 24.50 19.17 -11.19
N LEU A 482 24.51 17.87 -10.92
CA LEU A 482 23.89 17.24 -9.74
C LEU A 482 24.57 17.61 -8.41
N ASN A 483 25.90 17.77 -8.42
CA ASN A 483 26.65 18.18 -7.19
C ASN A 483 26.21 17.31 -6.02
N GLY A 484 26.19 15.99 -6.19
CA GLY A 484 25.92 15.00 -5.15
C GLY A 484 24.47 14.57 -5.07
N GLY A 485 23.60 15.23 -5.83
CA GLY A 485 22.15 14.96 -5.72
C GLY A 485 21.79 13.56 -6.21
N PRO A 486 20.70 12.96 -5.70
CA PRO A 486 20.33 11.60 -6.07
C PRO A 486 19.88 11.44 -7.54
N ARG A 487 20.22 10.29 -8.10
CA ARG A 487 19.96 10.00 -9.54
C ARG A 487 19.60 8.55 -9.71
N TRP A 488 18.68 8.33 -10.66
CA TRP A 488 18.23 7.02 -11.17
C TRP A 488 18.57 6.95 -12.63
N PHE A 489 19.01 5.80 -13.08
CA PHE A 489 19.42 5.68 -14.50
C PHE A 489 18.36 4.91 -15.26
N GLN A 490 17.94 5.49 -16.36
CA GLN A 490 16.97 4.85 -17.29
C GLN A 490 17.72 4.16 -18.40
N ILE A 491 17.57 2.86 -18.47
CA ILE A 491 18.24 2.06 -19.53
C ILE A 491 17.29 1.88 -20.69
N TYR A 492 17.80 2.31 -21.86
CA TYR A 492 17.40 1.73 -23.16
C TYR A 492 18.41 0.61 -23.42
N MET A 493 17.94 -0.64 -23.35
CA MET A 493 18.80 -1.84 -23.35
C MET A 493 19.51 -1.94 -24.71
N ALA A 494 20.79 -2.26 -24.66
CA ALA A 494 21.54 -2.82 -25.80
C ALA A 494 20.99 -4.20 -26.13
N LYS A 495 21.18 -4.67 -27.37
CA LYS A 495 20.97 -6.13 -27.69
C LYS A 495 22.09 -6.97 -27.06
N ASP A 496 23.30 -6.43 -26.95
CA ASP A 496 24.46 -7.20 -26.42
C ASP A 496 24.44 -7.18 -24.88
N ASP A 497 24.39 -8.34 -24.23
CA ASP A 497 24.42 -8.45 -22.74
C ASP A 497 25.60 -7.67 -22.16
N GLN A 498 26.80 -7.80 -22.72
CA GLN A 498 27.98 -7.20 -22.08
C GLN A 498 27.78 -5.67 -22.08
N GLN A 499 27.26 -5.10 -23.16
CA GLN A 499 27.06 -3.63 -23.23
C GLN A 499 26.06 -3.19 -22.16
N ASN A 500 25.09 -4.04 -21.80
CA ASN A 500 24.11 -3.69 -20.75
C ASN A 500 24.85 -3.72 -19.41
N ARG A 501 25.70 -4.73 -19.20
CA ARG A 501 26.50 -4.84 -17.96
C ARG A 501 27.35 -3.57 -17.86
N ASP A 502 27.98 -3.15 -18.96
CA ASP A 502 28.87 -1.94 -18.93
C ASP A 502 28.06 -0.67 -18.63
N ILE A 503 26.91 -0.50 -19.30
CA ILE A 503 26.03 0.69 -19.07
C ILE A 503 25.59 0.75 -17.62
N LEU A 504 25.10 -0.37 -17.08
CA LEU A 504 24.63 -0.47 -15.69
C LEU A 504 25.78 -0.14 -14.75
N ASP A 505 26.96 -0.69 -15.05
CA ASP A 505 28.11 -0.51 -14.15
C ASP A 505 28.48 0.96 -14.17
N GLU A 506 28.50 1.59 -15.34
CA GLU A 506 28.82 3.03 -15.44
C GLU A 506 27.82 3.84 -14.61
N ALA A 507 26.55 3.52 -14.76
CA ALA A 507 25.48 4.27 -14.04
C ALA A 507 25.64 4.11 -12.53
N LYS A 508 25.80 2.90 -12.04
CA LYS A 508 25.98 2.67 -10.59
C LYS A 508 27.28 3.33 -10.08
N SER A 509 28.38 3.26 -10.83
CA SER A 509 29.64 3.94 -10.46
C SER A 509 29.42 5.46 -10.41
N ASP A 510 28.58 6.01 -11.29
CA ASP A 510 28.22 7.46 -11.27
C ASP A 510 27.32 7.78 -10.06
N GLY A 511 26.72 6.78 -9.43
CA GLY A 511 25.96 6.97 -8.16
C GLY A 511 24.48 6.67 -8.29
N ALA A 512 24.05 5.94 -9.32
CA ALA A 512 22.62 5.64 -9.48
C ALA A 512 22.15 4.79 -8.31
N THR A 513 20.95 5.09 -7.77
CA THR A 513 20.36 4.30 -6.66
C THR A 513 19.08 3.57 -7.09
N ALA A 514 18.75 3.61 -8.37
CA ALA A 514 17.72 2.75 -9.00
C ALA A 514 17.99 2.72 -10.50
N ILE A 515 17.40 1.72 -11.12
CA ILE A 515 17.43 1.53 -12.58
C ILE A 515 15.98 1.56 -13.05
N ILE A 516 15.76 2.33 -14.10
CA ILE A 516 14.45 2.41 -14.78
C ILE A 516 14.57 1.64 -16.10
N LEU A 517 13.93 0.52 -16.22
CA LEU A 517 13.82 -0.19 -17.52
C LEU A 517 12.60 0.33 -18.27
N THR A 518 12.84 1.16 -19.28
CA THR A 518 11.75 1.66 -20.17
C THR A 518 11.46 0.58 -21.19
N ALA A 519 10.25 0.03 -21.16
CA ALA A 519 9.98 -1.13 -22.01
C ALA A 519 8.90 -0.84 -23.06
N ASP A 520 8.46 0.41 -23.20
CA ASP A 520 7.26 0.76 -24.01
C ASP A 520 7.72 1.40 -25.32
N SER A 521 9.00 1.25 -25.68
CA SER A 521 9.58 1.95 -26.84
C SER A 521 10.43 0.96 -27.62
N THR A 522 10.03 -0.30 -27.71
CA THR A 522 10.77 -1.29 -28.52
C THR A 522 10.78 -0.86 -30.00
N VAL A 523 9.73 -0.15 -30.45
CA VAL A 523 9.75 0.62 -31.73
C VAL A 523 9.15 1.99 -31.43
N SER A 524 9.43 2.96 -32.31
CA SER A 524 8.92 4.34 -32.18
C SER A 524 7.41 4.34 -32.30
N GLY A 525 6.81 5.26 -31.56
CA GLY A 525 5.45 5.67 -31.91
C GLY A 525 5.39 6.34 -33.26
N ASN A 526 4.18 6.45 -33.80
CA ASN A 526 3.89 7.12 -35.09
C ASN A 526 3.85 8.61 -34.82
N ARG A 527 5.01 9.26 -34.68
CA ARG A 527 5.11 10.69 -34.32
C ARG A 527 5.03 11.54 -35.59
N ASP A 528 3.82 11.91 -36.02
CA ASP A 528 3.65 12.57 -37.33
C ASP A 528 4.45 13.86 -37.42
N ARG A 529 4.55 14.65 -36.35
CA ARG A 529 5.32 15.93 -36.44
C ARG A 529 6.76 15.63 -36.89
N ASP A 530 7.37 14.63 -36.31
CA ASP A 530 8.80 14.30 -36.55
C ASP A 530 8.95 13.71 -37.96
N VAL A 531 7.95 12.95 -38.41
CA VAL A 531 7.97 12.40 -39.80
C VAL A 531 7.91 13.60 -40.75
N LYS A 532 6.95 14.51 -40.57
CA LYS A 532 6.77 15.68 -41.46
C LYS A 532 8.01 16.56 -41.41
N ASN A 533 8.65 16.72 -40.25
CA ASN A 533 9.83 17.61 -40.09
C ASN A 533 11.14 16.91 -40.46
N LYS A 534 11.09 15.60 -40.70
CA LYS A 534 12.27 14.74 -41.00
C LYS A 534 13.26 14.94 -39.84
N PHE A 535 12.77 14.83 -38.61
CA PHE A 535 13.58 15.18 -37.41
C PHE A 535 14.70 14.15 -37.21
N VAL A 536 15.94 14.66 -37.11
CA VAL A 536 17.13 13.85 -36.72
C VAL A 536 17.83 14.57 -35.55
N TYR A 537 18.55 13.84 -34.71
CA TYR A 537 19.30 14.47 -33.58
C TYR A 537 20.46 15.28 -34.14
N PRO A 538 20.68 16.52 -33.67
CA PRO A 538 21.82 17.31 -34.13
C PRO A 538 23.10 17.15 -33.29
N PHE A 539 23.16 16.14 -32.44
CA PHE A 539 24.33 15.86 -31.58
C PHE A 539 24.29 14.41 -31.14
N GLY A 540 25.42 13.93 -30.62
CA GLY A 540 25.59 12.53 -30.23
C GLY A 540 24.98 12.25 -28.87
N MET A 541 24.91 10.97 -28.55
CA MET A 541 24.40 10.39 -27.29
C MET A 541 25.52 9.53 -26.72
N PRO A 542 26.38 10.10 -25.86
CA PRO A 542 27.57 9.38 -25.37
C PRO A 542 27.36 8.08 -24.59
N ILE A 543 26.20 7.87 -23.96
CA ILE A 543 26.01 6.67 -23.09
C ILE A 543 25.69 5.44 -23.95
N VAL A 544 25.03 5.62 -25.10
CA VAL A 544 24.59 4.48 -25.96
C VAL A 544 25.34 4.47 -27.29
N GLN A 545 26.20 5.47 -27.60
CA GLN A 545 27.03 5.52 -28.84
C GLN A 545 27.62 4.12 -29.10
N ARG A 546 28.00 3.41 -28.02
CA ARG A 546 28.65 2.07 -28.09
C ARG A 546 27.82 1.12 -28.95
N TYR A 547 26.50 1.30 -29.06
CA TYR A 547 25.69 0.33 -29.85
C TYR A 547 25.05 0.99 -31.08
N LEU A 548 25.50 2.18 -31.46
CA LEU A 548 24.99 2.86 -32.68
C LEU A 548 25.99 2.73 -33.84
N ARG A 549 27.21 2.24 -33.57
CA ARG A 549 28.29 2.07 -34.60
C ARG A 549 28.14 3.22 -35.60
N GLY A 550 28.97 4.23 -35.45
CA GLY A 550 28.64 5.61 -35.85
C GLY A 550 27.94 6.33 -34.71
N THR A 551 27.61 7.59 -34.92
CA THR A 551 27.19 8.53 -33.87
C THR A 551 25.69 8.86 -34.04
N ALA A 552 24.99 9.09 -32.92
CA ALA A 552 23.54 9.41 -32.88
C ALA A 552 23.26 10.71 -33.66
N GLU A 553 24.26 11.55 -33.89
CA GLU A 553 24.07 12.81 -34.67
C GLU A 553 23.63 12.43 -36.10
N GLY A 554 22.55 13.05 -36.60
CA GLY A 554 21.98 12.81 -37.94
C GLY A 554 21.13 11.55 -38.00
N MET A 555 21.00 10.81 -36.91
CA MET A 555 20.10 9.62 -36.85
C MET A 555 18.69 10.05 -36.41
N SER A 556 17.71 9.27 -36.88
CA SER A 556 16.28 9.38 -36.55
C SER A 556 16.09 8.59 -35.25
N LEU A 557 15.11 8.98 -34.44
CA LEU A 557 14.75 8.16 -33.25
C LEU A 557 14.38 6.73 -33.69
N ASN A 558 13.69 6.53 -34.82
CA ASN A 558 13.35 5.16 -35.31
C ASN A 558 14.62 4.30 -35.30
N ASN A 559 15.73 4.82 -35.82
CA ASN A 559 16.96 4.01 -36.03
C ASN A 559 17.71 3.84 -34.71
N ILE A 560 17.62 4.77 -33.76
CA ILE A 560 18.25 4.60 -32.42
C ILE A 560 17.42 3.59 -31.62
N TYR A 561 16.12 3.80 -31.49
CA TYR A 561 15.26 2.74 -30.89
C TYR A 561 15.52 1.39 -31.57
N GLY A 562 15.75 1.42 -32.88
CA GLY A 562 16.00 0.19 -33.68
C GLY A 562 17.26 -0.53 -33.24
N ALA A 563 18.23 0.20 -32.69
CA ALA A 563 19.52 -0.38 -32.22
C ALA A 563 19.34 -1.01 -30.84
N SER A 564 18.53 -0.37 -29.99
CA SER A 564 18.16 -0.89 -28.64
C SER A 564 17.38 -2.19 -28.82
N LYS A 565 17.14 -2.89 -27.73
CA LYS A 565 16.52 -4.23 -27.68
C LYS A 565 15.02 -4.17 -27.97
N GLN A 566 14.56 -5.00 -28.91
CA GLN A 566 13.10 -5.10 -29.20
C GLN A 566 12.52 -6.21 -28.34
N LYS A 567 13.25 -7.33 -28.22
CA LYS A 567 12.74 -8.58 -27.62
C LYS A 567 12.97 -8.59 -26.10
N ILE A 568 12.62 -7.47 -25.46
CA ILE A 568 12.64 -7.35 -23.99
C ILE A 568 11.71 -8.44 -23.47
N SER A 569 12.17 -9.26 -22.55
CA SER A 569 11.30 -10.23 -21.82
C SER A 569 11.37 -9.98 -20.32
N PRO A 570 10.58 -10.69 -19.51
CA PRO A 570 10.72 -10.62 -18.04
C PRO A 570 12.12 -11.01 -17.56
N ARG A 571 12.80 -11.87 -18.35
CA ARG A 571 14.18 -12.25 -17.97
C ARG A 571 15.04 -11.01 -17.84
N ASP A 572 14.76 -9.98 -18.67
CA ASP A 572 15.56 -8.75 -18.68
C ASP A 572 15.39 -8.03 -17.36
N ILE A 573 14.18 -8.03 -16.80
CA ILE A 573 13.90 -7.36 -15.50
C ILE A 573 14.72 -8.08 -14.41
N GLU A 574 14.62 -9.38 -14.36
CA GLU A 574 15.43 -10.27 -13.46
C GLU A 574 16.94 -9.97 -13.56
N GLU A 575 17.47 -9.93 -14.79
CA GLU A 575 18.92 -9.81 -15.07
C GLU A 575 19.42 -8.41 -14.77
N ILE A 576 18.60 -7.38 -14.99
CA ILE A 576 19.00 -6.00 -14.60
C ILE A 576 19.07 -5.93 -13.06
N ALA A 577 18.09 -6.48 -12.36
CA ALA A 577 18.03 -6.43 -10.88
C ALA A 577 19.23 -7.21 -10.30
N ALA A 578 19.53 -8.36 -10.87
CA ALA A 578 20.61 -9.25 -10.39
C ALA A 578 21.94 -8.56 -10.63
N HIS A 579 22.15 -8.00 -11.82
CA HIS A 579 23.46 -7.40 -12.14
C HIS A 579 23.70 -6.14 -11.32
N SER A 580 22.71 -5.23 -11.27
CA SER A 580 22.88 -3.89 -10.64
C SER A 580 22.87 -4.00 -9.12
N GLY A 581 22.13 -4.97 -8.57
CA GLY A 581 21.82 -5.00 -7.14
C GLY A 581 21.11 -3.72 -6.76
N LEU A 582 20.47 -3.04 -7.72
CA LEU A 582 19.68 -1.82 -7.43
C LEU A 582 18.22 -2.12 -7.68
N PRO A 583 17.33 -1.38 -6.99
CA PRO A 583 15.90 -1.53 -7.30
C PRO A 583 15.65 -1.17 -8.77
N VAL A 584 14.84 -1.99 -9.44
CA VAL A 584 14.46 -1.80 -10.86
C VAL A 584 12.98 -1.39 -10.92
N PHE A 585 12.76 -0.26 -11.55
CA PHE A 585 11.40 0.13 -11.97
C PHE A 585 11.17 -0.41 -13.38
N VAL A 586 9.96 -0.83 -13.69
CA VAL A 586 9.56 -1.12 -15.10
C VAL A 586 8.63 0.00 -15.54
N LYS A 587 9.06 0.77 -16.53
CA LYS A 587 8.39 1.99 -16.97
C LYS A 587 7.66 1.79 -18.31
N GLY A 588 6.45 2.33 -18.37
CA GLY A 588 5.56 2.20 -19.54
C GLY A 588 4.32 1.37 -19.27
N ILE A 589 4.08 0.93 -18.04
CA ILE A 589 2.98 0.04 -17.71
C ILE A 589 1.66 0.81 -17.76
N GLN A 590 0.70 0.19 -18.45
CA GLN A 590 -0.69 0.73 -18.53
C GLN A 590 -1.70 -0.35 -18.22
N HIS A 591 -1.31 -1.61 -18.23
CA HIS A 591 -2.21 -2.76 -17.99
C HIS A 591 -1.82 -3.40 -16.69
N PRO A 592 -2.76 -3.68 -15.79
CA PRO A 592 -2.41 -4.22 -14.47
C PRO A 592 -1.62 -5.54 -14.58
N GLU A 593 -1.91 -6.35 -15.59
CA GLU A 593 -1.22 -7.66 -15.69
C GLU A 593 0.28 -7.47 -15.85
N ASP A 594 0.75 -6.42 -16.52
CA ASP A 594 2.19 -6.15 -16.66
C ASP A 594 2.80 -5.75 -15.31
N ALA A 595 2.01 -5.09 -14.46
CA ALA A 595 2.50 -4.73 -13.11
C ALA A 595 2.74 -6.03 -12.30
N ASP A 596 1.79 -6.92 -12.31
CA ASP A 596 1.89 -8.18 -11.56
C ASP A 596 3.08 -8.97 -12.13
N MET A 597 3.17 -9.04 -13.44
CA MET A 597 4.30 -9.77 -14.11
C MET A 597 5.62 -9.15 -13.66
N ALA A 598 5.76 -7.83 -13.74
CA ALA A 598 7.04 -7.15 -13.50
C ALA A 598 7.45 -7.45 -12.06
N ILE A 599 6.51 -7.37 -11.12
CA ILE A 599 6.85 -7.61 -9.69
C ILE A 599 7.31 -9.06 -9.52
N LYS A 600 6.61 -9.99 -10.14
CA LYS A 600 6.95 -11.43 -9.98
C LYS A 600 8.30 -11.70 -10.66
N ARG A 601 8.72 -10.87 -11.59
CA ARG A 601 10.00 -11.02 -12.31
C ARG A 601 11.12 -10.24 -11.62
N GLY A 602 10.85 -9.62 -10.46
CA GLY A 602 11.87 -8.98 -9.64
C GLY A 602 11.95 -7.47 -9.71
N ALA A 603 10.95 -6.80 -10.32
CA ALA A 603 10.91 -5.32 -10.23
C ALA A 603 10.67 -4.86 -8.78
N SER A 604 11.27 -3.76 -8.42
CA SER A 604 11.14 -3.12 -7.08
C SER A 604 10.23 -1.90 -7.18
N GLY A 605 9.69 -1.62 -8.37
CA GLY A 605 8.80 -0.47 -8.55
C GLY A 605 8.10 -0.56 -9.89
N ILE A 606 6.90 0.02 -9.96
CA ILE A 606 6.06 0.08 -11.20
C ILE A 606 5.98 1.53 -11.59
N TRP A 607 6.33 1.84 -12.80
CA TRP A 607 6.29 3.22 -13.32
C TRP A 607 5.23 3.30 -14.43
N VAL A 608 4.05 3.76 -14.00
CA VAL A 608 2.84 3.85 -14.83
C VAL A 608 3.06 5.03 -15.76
N SER A 609 2.95 4.77 -17.06
CA SER A 609 3.34 5.77 -18.06
C SER A 609 2.82 5.31 -19.43
N ASN A 610 2.55 6.26 -20.32
CA ASN A 610 2.45 5.95 -21.77
C ASN A 610 3.46 6.82 -22.50
N HIS A 611 4.56 7.17 -21.82
CA HIS A 611 5.65 7.90 -22.48
C HIS A 611 5.14 9.22 -23.00
N GLY A 612 4.25 9.93 -22.27
CA GLY A 612 3.82 11.25 -22.75
C GLY A 612 3.07 11.16 -24.06
N ALA A 613 2.39 10.07 -24.27
CA ALA A 613 1.63 9.74 -25.52
C ALA A 613 2.54 9.68 -26.76
N ARG A 614 3.82 9.46 -26.57
CA ARG A 614 4.80 9.42 -27.70
C ARG A 614 4.85 8.04 -28.33
N GLN A 615 4.23 7.03 -27.72
CA GLN A 615 4.33 5.65 -28.19
C GLN A 615 2.98 5.16 -28.72
N LEU A 616 2.33 4.21 -28.07
CA LEU A 616 1.14 3.62 -28.74
C LEU A 616 0.02 4.66 -28.80
N TYR A 617 -0.55 4.81 -29.98
CA TYR A 617 -1.67 5.70 -30.30
C TYR A 617 -3.02 5.03 -30.03
N GLU A 618 -4.06 5.83 -29.72
CA GLU A 618 -5.44 5.32 -29.60
C GLU A 618 -5.48 4.37 -28.42
N ALA A 619 -4.75 4.77 -27.38
CA ALA A 619 -4.67 4.12 -26.07
C ALA A 619 -5.30 5.06 -25.03
N PRO A 620 -5.60 4.58 -23.83
CA PRO A 620 -6.19 5.46 -22.79
C PRO A 620 -5.24 6.55 -22.32
N GLY A 621 -5.83 7.64 -21.80
CA GLY A 621 -5.05 8.58 -21.00
C GLY A 621 -4.48 7.93 -19.81
N SER A 622 -3.20 8.23 -19.53
CA SER A 622 -2.43 7.50 -18.49
C SER A 622 -3.15 7.46 -17.13
N PHE A 623 -3.69 8.59 -16.69
CA PHE A 623 -4.32 8.68 -15.36
C PHE A 623 -5.48 7.70 -15.26
N ASP A 624 -6.21 7.47 -16.36
CA ASP A 624 -7.36 6.53 -16.30
C ASP A 624 -6.90 5.10 -15.99
N THR A 625 -5.64 4.74 -16.26
CA THR A 625 -5.14 3.36 -16.06
C THR A 625 -4.61 3.18 -14.65
N LEU A 626 -4.41 4.25 -13.90
CA LEU A 626 -3.66 4.18 -12.61
C LEU A 626 -4.42 3.35 -11.57
N PRO A 627 -5.72 3.62 -11.29
CA PRO A 627 -6.39 2.86 -10.23
C PRO A 627 -6.31 1.35 -10.41
N ALA A 628 -6.55 0.82 -11.59
CA ALA A 628 -6.52 -0.64 -11.79
C ALA A 628 -5.11 -1.18 -11.52
N ILE A 629 -4.10 -0.47 -11.93
CA ILE A 629 -2.69 -0.90 -11.66
C ILE A 629 -2.44 -0.81 -10.15
N ALA A 630 -2.83 0.27 -9.49
CA ALA A 630 -2.55 0.40 -8.04
C ALA A 630 -3.26 -0.72 -7.29
N GLU A 631 -4.49 -1.03 -7.69
CA GLU A 631 -5.26 -2.11 -6.99
C GLU A 631 -4.56 -3.46 -7.20
N ARG A 632 -3.97 -3.72 -8.35
CA ARG A 632 -3.30 -5.03 -8.61
C ARG A 632 -1.95 -5.07 -7.89
N VAL A 633 -1.21 -3.97 -7.91
CA VAL A 633 0.07 -3.85 -7.15
C VAL A 633 -0.19 -4.08 -5.68
N ASN A 634 -1.26 -3.46 -5.16
CA ASN A 634 -1.69 -3.69 -3.76
C ASN A 634 -0.50 -3.55 -2.80
N LYS A 635 0.24 -2.47 -2.92
CA LYS A 635 1.26 -1.99 -1.94
C LYS A 635 2.55 -2.80 -2.08
N ARG A 636 2.64 -3.72 -3.00
CA ARG A 636 3.83 -4.60 -3.07
C ARG A 636 5.10 -3.81 -3.32
N VAL A 637 5.06 -2.82 -4.18
CA VAL A 637 6.22 -2.00 -4.59
C VAL A 637 5.70 -0.60 -4.78
N PRO A 638 6.60 0.40 -4.68
CA PRO A 638 6.22 1.76 -4.99
C PRO A 638 5.79 1.96 -6.46
N ILE A 639 4.89 2.92 -6.64
CA ILE A 639 4.42 3.35 -7.97
C ILE A 639 4.85 4.77 -8.25
N VAL A 640 5.49 4.96 -9.38
CA VAL A 640 5.70 6.28 -9.98
C VAL A 640 4.65 6.41 -11.09
N PHE A 641 4.02 7.56 -11.20
CA PHE A 641 2.99 7.83 -12.23
C PHE A 641 3.52 8.97 -13.09
N ASP A 642 3.38 8.86 -14.41
CA ASP A 642 3.57 10.04 -15.29
C ASP A 642 2.62 9.92 -16.49
N SER A 643 2.70 10.97 -17.29
CA SER A 643 2.15 11.23 -18.62
C SER A 643 0.97 12.19 -18.45
N GLY A 644 1.27 13.48 -18.52
CA GLY A 644 0.24 14.54 -18.48
C GLY A 644 0.17 15.35 -17.21
N VAL A 645 1.09 15.20 -16.25
CA VAL A 645 1.05 16.04 -15.02
C VAL A 645 1.39 17.48 -15.40
N ARG A 646 0.47 18.39 -15.11
CA ARG A 646 0.63 19.81 -15.50
C ARG A 646 0.32 20.74 -14.31
N ARG A 647 -0.32 20.26 -13.27
CA ARG A 647 -0.83 21.11 -12.18
C ARG A 647 -0.63 20.42 -10.84
N GLY A 648 -0.60 21.17 -9.74
CA GLY A 648 -0.61 20.53 -8.43
C GLY A 648 -1.78 19.64 -8.20
N GLU A 649 -2.94 19.98 -8.78
CA GLU A 649 -4.14 19.14 -8.66
C GLU A 649 -3.87 17.74 -9.24
N HIS A 650 -3.05 17.66 -10.27
CA HIS A 650 -2.73 16.37 -10.91
C HIS A 650 -1.84 15.54 -10.00
N VAL A 651 -0.89 16.19 -9.32
CA VAL A 651 -0.05 15.47 -8.33
C VAL A 651 -0.94 14.90 -7.26
N ALA A 652 -1.85 15.74 -6.71
CA ALA A 652 -2.77 15.28 -5.65
C ALA A 652 -3.60 14.10 -6.11
N LYS A 653 -4.18 14.20 -7.28
CA LYS A 653 -5.09 13.15 -7.82
C LYS A 653 -4.31 11.83 -8.04
N ALA A 654 -3.06 11.90 -8.47
CA ALA A 654 -2.24 10.70 -8.68
C ALA A 654 -2.01 10.04 -7.34
N LEU A 655 -1.64 10.84 -6.32
CA LEU A 655 -1.41 10.27 -4.99
C LEU A 655 -2.67 9.68 -4.42
N ALA A 656 -3.79 10.39 -4.57
CA ALA A 656 -5.09 9.88 -4.08
C ALA A 656 -5.45 8.56 -4.78
N SER A 657 -4.89 8.28 -5.93
CA SER A 657 -5.26 7.14 -6.80
C SER A 657 -4.20 6.03 -6.72
N GLY A 658 -3.20 6.11 -5.82
CA GLY A 658 -2.27 4.99 -5.60
C GLY A 658 -0.83 5.30 -5.96
N ALA A 659 -0.47 6.42 -6.63
CA ALA A 659 0.92 6.71 -6.95
C ALA A 659 1.64 7.15 -5.68
N ASP A 660 2.90 6.75 -5.51
CA ASP A 660 3.75 7.31 -4.41
C ASP A 660 4.29 8.69 -4.79
N VAL A 661 4.75 8.86 -6.01
CA VAL A 661 5.24 10.13 -6.59
C VAL A 661 4.76 10.16 -8.03
N VAL A 662 4.90 11.33 -8.62
CA VAL A 662 4.72 11.49 -10.07
C VAL A 662 6.05 11.88 -10.67
N ALA A 663 6.18 11.69 -11.96
CA ALA A 663 7.34 12.24 -12.66
C ALA A 663 6.90 13.35 -13.58
N LEU A 664 7.74 14.36 -13.65
CA LEU A 664 7.53 15.56 -14.49
C LEU A 664 8.40 15.52 -15.73
N GLY A 665 7.80 15.90 -16.85
CA GLY A 665 8.52 15.86 -18.12
C GLY A 665 8.48 17.13 -18.87
N ARG A 666 7.60 17.21 -19.87
CA ARG A 666 7.58 18.35 -20.82
C ARG A 666 7.66 19.69 -20.09
N PRO A 667 6.85 19.98 -19.06
CA PRO A 667 6.87 21.33 -18.48
C PRO A 667 8.30 21.72 -18.01
N VAL A 668 9.04 20.78 -17.45
CA VAL A 668 10.43 21.04 -16.95
C VAL A 668 11.31 21.38 -18.14
N LEU A 669 11.21 20.62 -19.24
CA LEU A 669 12.02 20.88 -20.44
C LEU A 669 11.66 22.23 -21.01
N PHE A 670 10.38 22.62 -21.02
CA PHE A 670 9.98 23.94 -21.56
C PHE A 670 10.59 25.04 -20.66
N GLY A 671 10.57 24.80 -19.38
CA GLY A 671 11.25 25.68 -18.40
C GLY A 671 12.76 25.77 -18.68
N LEU A 672 13.41 24.65 -18.92
CA LEU A 672 14.84 24.68 -19.32
C LEU A 672 14.99 25.52 -20.58
N ALA A 673 14.15 25.33 -21.59
CA ALA A 673 14.30 26.12 -22.84
C ALA A 673 14.26 27.61 -22.53
N LEU A 674 13.35 28.02 -21.65
CA LEU A 674 13.05 29.44 -21.39
C LEU A 674 14.05 30.08 -20.42
N GLY A 675 14.74 29.29 -19.60
CA GLY A 675 15.61 29.88 -18.55
C GLY A 675 16.77 29.01 -18.13
N GLY A 676 17.13 27.95 -18.84
CA GLY A 676 18.19 27.06 -18.36
C GLY A 676 17.85 26.50 -17.00
N TRP A 677 18.84 26.26 -16.14
CA TRP A 677 18.52 25.56 -14.87
C TRP A 677 17.53 26.40 -14.04
N GLN A 678 17.63 27.71 -14.10
CA GLN A 678 16.76 28.59 -13.29
C GLN A 678 15.33 28.51 -13.81
N GLY A 679 15.14 28.40 -15.12
CA GLY A 679 13.80 28.23 -15.70
C GLY A 679 13.21 26.88 -15.28
N ALA A 680 14.01 25.83 -15.41
CA ALA A 680 13.58 24.46 -15.01
C ALA A 680 13.25 24.46 -13.52
N TYR A 681 14.10 25.09 -12.72
CA TYR A 681 13.88 25.22 -11.26
C TYR A 681 12.56 25.94 -11.01
N SER A 682 12.28 27.00 -11.74
CA SER A 682 11.04 27.79 -11.61
C SER A 682 9.81 26.86 -11.78
N VAL A 683 9.91 25.92 -12.69
CA VAL A 683 8.78 24.96 -12.91
C VAL A 683 8.65 24.04 -11.71
N LEU A 684 9.75 23.54 -11.19
CA LEU A 684 9.67 22.62 -10.03
C LEU A 684 9.07 23.41 -8.86
N ASP A 685 9.52 24.65 -8.67
CA ASP A 685 9.01 25.53 -7.58
C ASP A 685 7.52 25.78 -7.77
N TYR A 686 7.08 26.06 -9.01
CA TYR A 686 5.65 26.23 -9.34
C TYR A 686 4.88 25.00 -8.84
N PHE A 687 5.32 23.80 -9.21
CA PHE A 687 4.61 22.58 -8.81
C PHE A 687 4.51 22.45 -7.29
N GLN A 688 5.61 22.69 -6.58
CA GLN A 688 5.58 22.61 -5.12
C GLN A 688 4.58 23.62 -4.54
N LYS A 689 4.58 24.86 -5.00
CA LYS A 689 3.66 25.90 -4.46
C LYS A 689 2.22 25.58 -4.83
N ASP A 690 2.02 25.10 -6.06
CA ASP A 690 0.71 24.72 -6.61
C ASP A 690 0.14 23.59 -5.73
N LEU A 691 0.93 22.56 -5.49
CA LEU A 691 0.51 21.45 -4.61
C LEU A 691 0.17 21.97 -3.20
N THR A 692 1.00 22.86 -2.66
CA THR A 692 0.75 23.39 -1.29
C THR A 692 -0.65 23.99 -1.22
N ARG A 693 -1.05 24.77 -2.21
CA ARG A 693 -2.39 25.39 -2.22
C ARG A 693 -3.43 24.28 -2.21
N VAL A 694 -3.24 23.29 -3.06
CA VAL A 694 -4.24 22.20 -3.20
C VAL A 694 -4.32 21.42 -1.90
N MET A 695 -3.18 21.21 -1.22
CA MET A 695 -3.21 20.51 0.08
C MET A 695 -4.06 21.35 1.05
N GLN A 696 -3.81 22.64 1.13
CA GLN A 696 -4.55 23.45 2.11
C GLN A 696 -6.05 23.33 1.83
N LEU A 697 -6.46 23.44 0.57
CA LEU A 697 -7.91 23.50 0.22
C LEU A 697 -8.57 22.11 0.32
N THR A 698 -7.80 21.01 0.23
CA THR A 698 -8.34 19.65 0.37
C THR A 698 -8.29 19.13 1.77
N GLY A 699 -7.73 19.90 2.72
CA GLY A 699 -7.63 19.48 4.14
C GLY A 699 -6.45 18.57 4.41
N SER A 700 -5.43 18.66 3.57
CA SER A 700 -4.27 17.77 3.60
C SER A 700 -3.08 18.44 4.28
N GLN A 701 -2.66 17.96 5.42
CA GLN A 701 -1.50 18.62 6.11
C GLN A 701 -0.16 18.09 5.56
N ASN A 702 -0.21 16.91 4.96
CA ASN A 702 1.01 16.20 4.54
C ASN A 702 0.70 15.28 3.36
N VAL A 703 1.75 14.73 2.78
CA VAL A 703 1.59 13.91 1.56
C VAL A 703 0.80 12.64 1.89
N GLU A 704 0.95 12.07 3.06
CA GLU A 704 0.15 10.88 3.40
C GLU A 704 -1.35 11.22 3.35
N ASP A 705 -1.71 12.41 3.82
CA ASP A 705 -3.14 12.78 3.82
C ASP A 705 -3.66 12.77 2.37
N LEU A 706 -2.87 13.26 1.41
CA LEU A 706 -3.29 13.24 -0.01
C LEU A 706 -3.64 11.83 -0.46
N LYS A 707 -2.89 10.82 -0.01
CA LYS A 707 -3.14 9.43 -0.40
C LYS A 707 -4.52 8.99 0.08
N GLY A 708 -5.08 9.64 1.10
CA GLY A 708 -6.38 9.29 1.67
C GLY A 708 -7.55 10.01 1.03
N LEU A 709 -7.35 10.88 0.04
CA LEU A 709 -8.48 11.66 -0.51
C LEU A 709 -9.43 10.77 -1.30
N ASP A 710 -10.72 11.06 -1.14
CA ASP A 710 -11.78 10.58 -2.06
C ASP A 710 -11.93 11.59 -3.18
N LEU A 711 -12.15 11.07 -4.38
CA LEU A 711 -12.34 11.92 -5.58
C LEU A 711 -13.79 11.74 -6.06
N PHE A 712 -14.28 12.81 -6.63
CA PHE A 712 -15.63 12.87 -7.22
C PHE A 712 -15.53 12.24 -8.61
N ASP A 713 -16.35 11.24 -8.88
CA ASP A 713 -16.46 10.65 -10.24
C ASP A 713 -17.25 11.53 -11.19
N ASN A 714 -16.64 11.97 -12.26
CA ASN A 714 -17.27 12.81 -13.29
C ASN A 714 -17.53 11.93 -14.51
N PRO A 715 -18.72 11.34 -14.65
CA PRO A 715 -19.03 10.48 -15.80
C PRO A 715 -19.26 11.25 -17.09
N TYR A 716 -19.40 12.58 -17.05
CA TYR A 716 -19.57 13.41 -18.24
C TYR A 716 -18.24 13.68 -18.93
N GLY A 717 -17.13 13.53 -18.23
CA GLY A 717 -15.78 13.79 -18.80
C GLY A 717 -15.60 15.27 -19.10
N TYR A 718 -14.83 15.59 -20.13
CA TYR A 718 -14.27 16.96 -20.26
C TYR A 718 -15.33 18.03 -20.52
N GLU A 719 -16.31 17.78 -21.40
CA GLU A 719 -17.29 18.80 -21.77
C GLU A 719 -18.33 19.00 -20.66
N TYR A 720 -18.46 18.06 -19.71
CA TYR A 720 -19.36 18.25 -18.52
C TYR A 720 -20.88 18.44 -18.85
N GLU B 353 -17.58 -21.67 40.07
CA GLU B 353 -18.14 -23.05 39.80
C GLU B 353 -18.18 -23.30 38.30
N TYR B 354 -17.04 -23.55 37.67
CA TYR B 354 -16.95 -23.63 36.19
C TYR B 354 -15.97 -24.73 35.79
N ASN B 355 -16.48 -25.77 35.12
CA ASN B 355 -15.68 -26.99 34.82
C ASN B 355 -15.24 -26.97 33.35
N ALA B 356 -14.24 -26.17 33.05
CA ALA B 356 -13.66 -26.12 31.70
C ALA B 356 -12.92 -27.43 31.42
N PRO B 357 -12.85 -27.85 30.15
CA PRO B 357 -11.96 -28.92 29.74
C PRO B 357 -10.51 -28.65 30.17
N SER B 358 -9.70 -29.71 30.36
CA SER B 358 -8.27 -29.60 30.78
C SER B 358 -7.36 -30.52 29.97
N GLU B 359 -7.93 -31.33 29.08
CA GLU B 359 -7.15 -32.33 28.32
C GLU B 359 -6.30 -31.61 27.29
N ILE B 360 -5.05 -32.06 27.15
CA ILE B 360 -4.11 -31.46 26.16
C ILE B 360 -3.80 -32.53 25.11
N LYS B 361 -4.07 -32.23 23.85
CA LYS B 361 -3.86 -33.19 22.74
C LYS B 361 -3.92 -32.43 21.42
N TYR B 362 -3.24 -32.96 20.44
CA TYR B 362 -3.39 -32.53 19.03
C TYR B 362 -4.71 -33.05 18.49
N ILE B 363 -5.24 -32.32 17.53
CA ILE B 363 -6.54 -32.63 16.88
C ILE B 363 -6.32 -32.67 15.38
N ASP B 364 -6.98 -33.60 14.70
CA ASP B 364 -6.89 -33.69 13.22
C ASP B 364 -7.94 -32.77 12.65
N VAL B 365 -7.56 -31.57 12.22
CA VAL B 365 -8.56 -30.55 11.81
C VAL B 365 -8.84 -30.77 10.32
N VAL B 366 -10.05 -31.20 10.03
CA VAL B 366 -10.53 -31.34 8.63
C VAL B 366 -11.02 -29.96 8.16
N ASN B 367 -11.76 -29.28 9.04
CA ASN B 367 -12.24 -27.89 8.76
C ASN B 367 -12.53 -27.25 10.12
N THR B 368 -12.55 -25.94 10.20
CA THR B 368 -12.77 -25.24 11.50
C THR B 368 -14.25 -25.19 11.86
N TYR B 369 -15.17 -25.41 10.92
CA TYR B 369 -16.61 -25.26 11.22
C TYR B 369 -17.04 -26.36 12.18
N ASP B 370 -16.49 -27.54 11.94
CA ASP B 370 -16.84 -28.73 12.76
C ASP B 370 -16.33 -28.52 14.19
N LEU B 371 -15.38 -27.63 14.47
CA LEU B 371 -14.82 -27.45 15.85
C LEU B 371 -15.88 -26.83 16.76
N GLU B 372 -16.79 -26.05 16.20
CA GLU B 372 -17.83 -25.39 16.99
C GLU B 372 -18.70 -26.47 17.63
N GLU B 373 -19.34 -27.34 16.85
CA GLU B 373 -20.20 -28.40 17.39
C GLU B 373 -19.34 -29.27 18.31
N GLU B 374 -18.11 -29.59 17.91
CA GLU B 374 -17.24 -30.46 18.75
C GLU B 374 -16.88 -29.74 20.05
N ALA B 375 -17.07 -30.40 21.20
CA ALA B 375 -16.25 -30.30 22.46
C ALA B 375 -17.05 -30.53 23.76
N SER B 376 -18.01 -29.67 24.12
CA SER B 376 -18.92 -29.86 25.28
C SER B 376 -19.31 -31.33 25.41
N LYS B 377 -18.67 -32.02 26.36
CA LYS B 377 -19.28 -32.98 27.34
C LYS B 377 -18.50 -32.94 28.67
N VAL B 378 -17.82 -31.80 28.92
CA VAL B 378 -17.69 -31.13 30.25
C VAL B 378 -18.02 -29.64 30.05
N VAL B 379 -18.29 -29.20 28.80
CA VAL B 379 -17.82 -27.89 28.23
C VAL B 379 -18.87 -26.80 28.20
N PRO B 380 -18.86 -26.01 29.26
CA PRO B 380 -20.11 -25.63 29.89
C PRO B 380 -20.99 -24.76 28.97
N HIS B 381 -22.28 -25.02 29.04
CA HIS B 381 -23.29 -24.41 28.14
C HIS B 381 -23.15 -22.88 28.16
N GLY B 382 -23.11 -22.25 29.33
CA GLY B 382 -23.09 -20.76 29.34
C GLY B 382 -21.82 -20.23 28.71
N GLY B 383 -20.68 -20.78 29.07
CA GLY B 383 -19.41 -20.33 28.50
C GLY B 383 -19.36 -20.62 27.01
N PHE B 384 -19.86 -21.75 26.56
CA PHE B 384 -19.81 -22.09 25.12
C PHE B 384 -20.62 -21.06 24.33
N ASN B 385 -21.81 -20.73 24.85
CA ASN B 385 -22.72 -19.80 24.15
C ASN B 385 -22.16 -18.38 24.24
N TYR B 386 -21.41 -18.02 25.29
CA TYR B 386 -20.66 -16.76 25.33
C TYR B 386 -19.67 -16.68 24.17
N ILE B 387 -18.94 -17.76 23.94
CA ILE B 387 -17.89 -17.77 22.88
C ILE B 387 -18.54 -17.77 21.49
N ALA B 388 -19.50 -18.65 21.30
CA ALA B 388 -20.06 -18.93 19.96
C ALA B 388 -21.03 -17.83 19.54
N GLY B 389 -21.75 -17.21 20.49
CA GLY B 389 -22.91 -16.41 20.12
C GLY B 389 -22.51 -15.06 19.52
N ALA B 390 -23.53 -14.32 19.11
CA ALA B 390 -23.34 -13.00 18.48
C ALA B 390 -24.63 -12.19 18.68
N SER B 391 -24.66 -10.98 18.16
CA SER B 391 -25.76 -10.03 18.46
C SER B 391 -27.03 -10.45 17.75
N GLY B 392 -28.16 -10.06 18.34
CA GLY B 392 -29.46 -10.32 17.74
C GLY B 392 -29.68 -11.78 17.43
N ASP B 393 -30.16 -12.10 16.22
CA ASP B 393 -30.41 -13.49 15.81
C ASP B 393 -29.18 -14.00 15.04
N GLU B 394 -28.04 -13.30 15.14
CA GLU B 394 -26.73 -13.74 14.57
C GLU B 394 -26.68 -13.53 13.06
N TRP B 395 -27.60 -12.77 12.50
CA TRP B 395 -27.64 -12.59 11.03
C TRP B 395 -26.32 -11.97 10.59
N THR B 396 -25.72 -11.08 11.37
CA THR B 396 -24.46 -10.43 10.93
C THR B 396 -23.28 -11.41 11.11
N LYS B 397 -23.35 -12.38 12.06
CA LYS B 397 -22.32 -13.42 12.13
C LYS B 397 -22.40 -14.31 10.88
N ARG B 398 -23.61 -14.64 10.45
CA ARG B 398 -23.83 -15.39 9.20
C ARG B 398 -23.35 -14.52 8.03
N ALA B 399 -23.52 -13.22 8.07
CA ALA B 399 -23.08 -12.31 6.99
C ALA B 399 -21.53 -12.35 6.94
N ASN B 400 -20.85 -12.36 8.11
CA ASN B 400 -19.36 -12.48 8.14
C ASN B 400 -18.93 -13.72 7.34
N ASP B 401 -19.64 -14.82 7.54
CA ASP B 401 -19.29 -16.10 6.87
C ASP B 401 -19.67 -16.11 5.39
N ARG B 402 -20.84 -15.61 5.05
CA ARG B 402 -21.36 -15.69 3.66
C ARG B 402 -20.67 -14.64 2.82
N ALA B 403 -20.05 -13.60 3.43
CA ALA B 403 -19.37 -12.56 2.63
C ALA B 403 -18.22 -13.17 1.80
N TRP B 404 -17.64 -14.28 2.24
CA TRP B 404 -16.47 -14.87 1.53
C TRP B 404 -16.95 -15.38 0.16
N LYS B 405 -18.24 -15.67 0.02
CA LYS B 405 -18.76 -16.18 -1.28
C LYS B 405 -18.97 -15.03 -2.26
N HIS B 406 -18.82 -13.78 -1.83
CA HIS B 406 -19.05 -12.61 -2.72
C HIS B 406 -17.93 -12.39 -3.70
N LYS B 407 -16.72 -12.81 -3.33
CA LYS B 407 -15.50 -12.62 -4.12
C LYS B 407 -14.81 -13.97 -4.14
N LEU B 408 -14.69 -14.58 -5.33
CA LEU B 408 -14.29 -15.99 -5.44
C LEU B 408 -12.90 -16.10 -6.06
N LEU B 409 -12.14 -17.08 -5.61
CA LEU B 409 -10.76 -17.27 -6.11
C LEU B 409 -10.78 -17.94 -7.46
N TYR B 410 -9.87 -17.52 -8.33
CA TYR B 410 -9.55 -18.26 -9.57
C TYR B 410 -8.35 -19.19 -9.36
N PRO B 411 -8.47 -20.44 -9.81
CA PRO B 411 -7.28 -21.27 -9.98
C PRO B 411 -6.47 -20.61 -11.08
N ARG B 412 -5.15 -20.65 -10.95
CA ARG B 412 -4.26 -20.09 -11.98
C ARG B 412 -3.27 -21.21 -12.34
N LEU B 413 -3.03 -21.40 -13.64
CA LEU B 413 -2.35 -22.60 -14.20
C LEU B 413 -0.98 -22.20 -14.77
N ALA B 414 -0.07 -23.19 -14.74
CA ALA B 414 1.30 -23.08 -15.29
C ALA B 414 1.97 -21.79 -14.78
N GLN B 415 1.95 -21.60 -13.46
CA GLN B 415 2.36 -20.34 -12.79
C GLN B 415 3.79 -20.40 -12.29
N ASP B 416 4.46 -21.54 -12.49
CA ASP B 416 5.90 -21.74 -12.17
C ASP B 416 6.07 -21.60 -10.65
N VAL B 417 5.18 -22.24 -9.88
CA VAL B 417 5.17 -22.17 -8.38
C VAL B 417 5.35 -23.57 -7.80
N GLU B 418 6.18 -23.68 -6.77
CA GLU B 418 6.15 -24.88 -5.90
C GLU B 418 6.66 -24.45 -4.52
N ALA B 419 6.23 -25.19 -3.50
CA ALA B 419 6.63 -24.98 -2.09
C ALA B 419 6.40 -23.52 -1.76
N PRO B 420 5.13 -23.09 -1.79
CA PRO B 420 4.87 -21.72 -1.39
C PRO B 420 5.42 -21.47 0.01
N ASP B 421 5.78 -20.24 0.21
CA ASP B 421 6.30 -19.72 1.49
C ASP B 421 5.20 -18.84 2.11
N THR B 422 4.66 -19.21 3.27
CA THR B 422 3.58 -18.45 3.95
C THR B 422 4.12 -17.33 4.83
N SER B 423 5.43 -17.19 4.96
CA SER B 423 6.00 -16.25 5.94
C SER B 423 5.74 -14.80 5.52
N THR B 424 5.59 -13.90 6.48
CA THR B 424 5.46 -12.44 6.18
C THR B 424 6.01 -11.63 7.36
N GLU B 425 6.01 -10.33 7.23
CA GLU B 425 6.54 -9.42 8.29
C GLU B 425 5.46 -8.37 8.56
N ILE B 426 5.25 -8.04 9.83
CA ILE B 426 4.36 -6.92 10.21
C ILE B 426 4.99 -6.18 11.39
N LEU B 427 5.16 -4.87 11.21
CA LEU B 427 5.82 -3.98 12.20
C LEU B 427 7.11 -4.64 12.68
N GLY B 428 7.91 -5.15 11.73
CA GLY B 428 9.23 -5.79 11.92
C GLY B 428 9.16 -7.06 12.76
N HIS B 429 8.01 -7.71 12.87
CA HIS B 429 7.94 -9.11 13.35
C HIS B 429 7.90 -10.01 12.11
N LYS B 430 8.88 -10.90 11.93
CA LYS B 430 8.74 -12.00 10.93
C LYS B 430 7.86 -13.11 11.53
N ILE B 431 6.76 -13.45 10.86
CA ILE B 431 5.79 -14.45 11.37
C ILE B 431 5.62 -15.55 10.32
N LYS B 432 5.26 -16.75 10.76
CA LYS B 432 5.30 -17.98 9.95
C LYS B 432 4.22 -17.96 8.88
N ALA B 433 3.12 -17.22 9.11
CA ALA B 433 1.97 -17.19 8.17
C ALA B 433 1.29 -15.85 8.41
N PRO B 434 0.52 -15.34 7.44
CA PRO B 434 -0.07 -14.01 7.56
C PRO B 434 -1.33 -13.96 8.42
N PHE B 435 -1.25 -14.54 9.61
CA PHE B 435 -2.36 -14.51 10.57
C PHE B 435 -1.76 -14.38 11.96
N ILE B 436 -2.48 -13.68 12.80
CA ILE B 436 -2.12 -13.45 14.22
C ILE B 436 -3.29 -13.92 15.07
N MET B 437 -3.12 -13.95 16.39
CA MET B 437 -4.23 -14.30 17.27
C MET B 437 -4.99 -13.04 17.65
N ALA B 438 -6.31 -13.05 17.45
CA ALA B 438 -7.12 -11.90 17.87
C ALA B 438 -7.15 -11.83 19.39
N PRO B 439 -7.38 -10.62 19.95
CA PRO B 439 -7.59 -10.46 21.39
C PRO B 439 -8.98 -10.96 21.74
N ILE B 440 -9.03 -11.97 22.61
CA ILE B 440 -10.29 -12.59 23.08
C ILE B 440 -10.20 -12.69 24.61
N ALA B 441 -11.25 -12.24 25.28
CA ALA B 441 -11.39 -12.27 26.73
C ALA B 441 -11.52 -13.71 27.19
N ALA B 442 -11.13 -13.99 28.41
CA ALA B 442 -11.70 -15.12 29.20
C ALA B 442 -11.47 -16.49 28.53
N HIS B 443 -10.22 -16.82 28.20
CA HIS B 443 -9.93 -18.12 27.54
C HIS B 443 -10.21 -19.26 28.51
N GLY B 444 -10.21 -18.98 29.81
CA GLY B 444 -10.59 -20.03 30.78
C GLY B 444 -12.00 -20.54 30.61
N LEU B 445 -12.88 -19.83 29.88
CA LEU B 445 -14.18 -20.41 29.52
C LEU B 445 -14.01 -21.64 28.61
N ALA B 446 -12.93 -21.68 27.82
CA ALA B 446 -12.68 -22.76 26.84
C ALA B 446 -11.82 -23.86 27.48
N HIS B 447 -10.84 -23.52 28.30
CA HIS B 447 -9.84 -24.52 28.76
C HIS B 447 -9.18 -24.04 30.06
N THR B 448 -8.94 -24.95 31.01
CA THR B 448 -8.26 -24.59 32.27
C THR B 448 -6.92 -23.88 32.07
N THR B 449 -6.15 -24.15 31.00
CA THR B 449 -4.83 -23.54 30.77
C THR B 449 -5.02 -22.14 30.19
N LYS B 450 -6.25 -21.79 29.83
CA LYS B 450 -6.71 -20.40 29.53
C LYS B 450 -5.70 -19.72 28.60
N GLU B 451 -5.41 -18.46 28.81
CA GLU B 451 -4.65 -17.64 27.88
C GLU B 451 -3.20 -18.17 27.77
N ALA B 452 -2.68 -18.85 28.82
CA ALA B 452 -1.30 -19.42 28.76
C ALA B 452 -1.25 -20.52 27.71
N GLY B 453 -2.30 -21.33 27.62
CA GLY B 453 -2.41 -22.36 26.58
C GLY B 453 -2.46 -21.73 25.20
N THR B 454 -3.30 -20.72 25.03
CA THR B 454 -3.35 -20.06 23.70
C THR B 454 -1.98 -19.50 23.34
N ALA B 455 -1.32 -18.82 24.29
CA ALA B 455 -0.03 -18.15 24.08
C ALA B 455 1.02 -19.18 23.65
N ARG B 456 1.01 -20.35 24.29
CA ARG B 456 2.03 -21.38 23.96
C ARG B 456 1.81 -21.85 22.53
N ALA B 457 0.56 -22.04 22.12
CA ALA B 457 0.24 -22.46 20.73
C ALA B 457 0.78 -21.40 19.78
N VAL B 458 0.44 -20.15 20.04
CA VAL B 458 0.79 -19.03 19.13
C VAL B 458 2.31 -18.87 19.03
N SER B 459 2.99 -18.92 20.17
CA SER B 459 4.46 -18.75 20.22
C SER B 459 5.15 -19.92 19.51
N GLU B 460 4.70 -21.15 19.77
CA GLU B 460 5.33 -22.35 19.19
C GLU B 460 5.12 -22.35 17.68
N PHE B 461 3.93 -21.90 17.24
CA PHE B 461 3.61 -21.83 15.80
C PHE B 461 4.48 -20.75 15.15
N GLY B 462 4.69 -19.62 15.81
CA GLY B 462 5.48 -18.52 15.27
C GLY B 462 4.69 -17.36 14.74
N THR B 463 3.72 -16.89 15.51
CA THR B 463 3.05 -15.62 15.18
C THR B 463 2.84 -14.81 16.43
N ILE B 464 2.02 -13.78 16.32
CA ILE B 464 1.84 -12.75 17.36
C ILE B 464 0.61 -13.05 18.21
N MET B 465 0.77 -12.94 19.51
CA MET B 465 -0.32 -13.12 20.50
C MET B 465 -0.90 -11.74 20.79
N SER B 466 -2.21 -11.56 20.68
CA SER B 466 -2.94 -10.36 21.14
C SER B 466 -3.56 -10.69 22.49
N ILE B 467 -3.21 -9.93 23.50
CA ILE B 467 -3.69 -10.09 24.89
C ILE B 467 -4.85 -9.13 25.10
N SER B 468 -5.99 -9.69 25.41
CA SER B 468 -7.20 -8.93 25.79
C SER B 468 -6.95 -8.25 27.15
N ALA B 469 -7.41 -7.00 27.33
CA ALA B 469 -7.48 -6.38 28.67
C ALA B 469 -8.34 -7.25 29.57
N TYR B 470 -9.28 -8.02 29.03
CA TYR B 470 -10.24 -8.84 29.84
C TYR B 470 -9.75 -10.28 29.95
N SER B 471 -8.45 -10.51 29.86
CA SER B 471 -7.81 -11.82 30.13
C SER B 471 -8.19 -12.34 31.51
N GLY B 472 -8.46 -13.63 31.65
CA GLY B 472 -8.59 -14.25 32.97
C GLY B 472 -7.23 -14.60 33.56
N ALA B 473 -6.17 -14.51 32.77
CA ALA B 473 -4.78 -14.82 33.20
C ALA B 473 -4.01 -13.54 33.47
N THR B 474 -3.08 -13.58 34.44
CA THR B 474 -2.16 -12.45 34.67
C THR B 474 -1.20 -12.37 33.49
N PHE B 475 -0.55 -11.24 33.31
CA PHE B 475 0.55 -11.11 32.32
C PHE B 475 1.60 -12.19 32.57
N GLU B 476 1.88 -12.56 33.83
CA GLU B 476 2.98 -13.50 34.15
C GLU B 476 2.58 -14.90 33.74
N GLU B 477 1.31 -15.28 33.91
CA GLU B 477 0.79 -16.57 33.42
C GLU B 477 0.89 -16.59 31.90
N ILE B 478 0.45 -15.52 31.23
CA ILE B 478 0.51 -15.49 29.73
C ILE B 478 1.97 -15.53 29.28
N SER B 479 2.83 -14.75 29.94
CA SER B 479 4.26 -14.63 29.61
C SER B 479 4.93 -16.01 29.61
N GLU B 480 4.51 -16.89 30.53
CA GLU B 480 5.05 -18.26 30.68
C GLU B 480 4.72 -19.09 29.44
N GLY B 481 3.48 -18.99 28.95
CA GLY B 481 3.10 -19.62 27.69
C GLY B 481 3.84 -19.00 26.50
N LEU B 482 4.02 -17.69 26.47
CA LEU B 482 4.62 -17.00 25.32
C LEU B 482 6.10 -17.37 25.17
N ASN B 483 6.82 -17.56 26.29
CA ASN B 483 8.24 -17.98 26.25
C ASN B 483 9.02 -17.11 25.26
N GLY B 484 8.87 -15.79 25.39
CA GLY B 484 9.59 -14.75 24.67
C GLY B 484 8.95 -14.40 23.35
N GLY B 485 7.81 -15.02 23.03
CA GLY B 485 7.13 -14.75 21.76
C GLY B 485 6.55 -13.35 21.72
N PRO B 486 6.33 -12.81 20.50
CA PRO B 486 5.82 -11.47 20.37
C PRO B 486 4.35 -11.34 20.82
N ARG B 487 4.06 -10.20 21.40
CA ARG B 487 2.71 -9.91 21.93
C ARG B 487 2.33 -8.46 21.71
N TRP B 488 1.04 -8.25 21.39
CA TRP B 488 0.38 -6.94 21.31
C TRP B 488 -0.66 -6.88 22.41
N PHE B 489 -0.87 -5.72 23.01
CA PHE B 489 -1.83 -5.62 24.12
C PHE B 489 -3.05 -4.86 23.62
N GLN B 490 -4.21 -5.42 23.85
CA GLN B 490 -5.50 -4.79 23.51
C GLN B 490 -6.08 -4.09 24.74
N ILE B 491 -6.31 -2.79 24.59
CA ILE B 491 -6.91 -1.96 25.68
C ILE B 491 -8.36 -1.64 25.36
N TYR B 492 -9.15 -1.71 26.44
CA TYR B 492 -10.49 -1.14 26.59
C TYR B 492 -10.28 0.11 27.42
N MET B 493 -10.16 1.25 26.73
CA MET B 493 -9.94 2.59 27.31
C MET B 493 -10.78 2.80 28.56
N ALA B 494 -10.28 3.67 29.41
CA ALA B 494 -10.88 3.99 30.71
C ALA B 494 -11.41 5.40 30.63
N LYS B 495 -12.54 5.64 31.30
CA LYS B 495 -12.94 7.00 31.66
C LYS B 495 -11.77 7.59 32.45
N ASP B 496 -11.25 6.84 33.42
CA ASP B 496 -10.17 7.41 34.28
C ASP B 496 -8.83 7.39 33.50
N ASP B 497 -8.33 8.57 33.08
CA ASP B 497 -7.04 8.70 32.34
C ASP B 497 -5.91 8.00 33.10
N GLN B 498 -5.85 8.10 34.45
CA GLN B 498 -4.79 7.38 35.19
C GLN B 498 -4.79 5.87 34.88
N GLN B 499 -5.97 5.27 34.70
CA GLN B 499 -6.09 3.81 34.45
C GLN B 499 -5.53 3.49 33.04
N ASN B 500 -5.69 4.41 32.09
CA ASN B 500 -5.11 4.31 30.71
C ASN B 500 -3.58 4.35 30.83
N ARG B 501 -3.06 5.37 31.51
CA ARG B 501 -1.60 5.45 31.80
C ARG B 501 -1.11 4.15 32.41
N ASP B 502 -1.83 3.58 33.38
CA ASP B 502 -1.27 2.44 34.14
C ASP B 502 -1.26 1.17 33.27
N ILE B 503 -2.34 0.92 32.54
CA ILE B 503 -2.40 -0.31 31.70
C ILE B 503 -1.42 -0.17 30.51
N LEU B 504 -1.26 0.99 29.91
CA LEU B 504 -0.25 1.19 28.85
C LEU B 504 1.14 0.92 29.44
N ASP B 505 1.36 1.40 30.67
CA ASP B 505 2.68 1.12 31.30
C ASP B 505 2.85 -0.38 31.52
N GLU B 506 1.87 -1.10 32.05
CA GLU B 506 2.03 -2.56 32.30
C GLU B 506 2.26 -3.27 30.95
N ALA B 507 1.54 -2.88 29.91
CA ALA B 507 1.65 -3.64 28.65
C ALA B 507 3.08 -3.51 28.10
N LYS B 508 3.63 -2.32 28.14
CA LYS B 508 5.00 -2.07 27.60
C LYS B 508 6.06 -2.77 28.46
N SER B 509 5.93 -2.72 29.78
CA SER B 509 6.81 -3.48 30.72
C SER B 509 6.71 -4.99 30.43
N ASP B 510 5.50 -5.44 30.05
CA ASP B 510 5.19 -6.84 29.66
C ASP B 510 5.85 -7.22 28.33
N GLY B 511 6.32 -6.25 27.57
CA GLY B 511 7.03 -6.48 26.29
C GLY B 511 6.12 -6.30 25.06
N ALA B 512 4.95 -5.69 25.23
CA ALA B 512 4.09 -5.39 24.07
C ALA B 512 4.87 -4.55 23.08
N THR B 513 4.67 -4.86 21.81
CA THR B 513 5.26 -4.10 20.70
C THR B 513 4.21 -3.42 19.84
N ALA B 514 2.96 -3.48 20.26
CA ALA B 514 1.89 -2.62 19.69
C ALA B 514 0.76 -2.59 20.70
N ILE B 515 -0.09 -1.58 20.58
CA ILE B 515 -1.33 -1.44 21.39
C ILE B 515 -2.49 -1.55 20.38
N ILE B 516 -3.49 -2.30 20.76
CA ILE B 516 -4.76 -2.46 19.99
C ILE B 516 -5.82 -1.69 20.77
N LEU B 517 -6.23 -0.56 20.29
CA LEU B 517 -7.35 0.23 20.90
C LEU B 517 -8.66 -0.26 20.30
N THR B 518 -9.41 -1.07 21.04
CA THR B 518 -10.72 -1.56 20.56
C THR B 518 -11.74 -0.50 20.83
N ALA B 519 -12.39 0.02 19.78
CA ALA B 519 -13.22 1.22 19.95
C ALA B 519 -14.68 0.91 19.68
N ASP B 520 -15.02 -0.34 19.32
CA ASP B 520 -16.37 -0.72 18.78
C ASP B 520 -17.23 -1.32 19.88
N SER B 521 -16.82 -1.13 21.12
CA SER B 521 -17.43 -1.86 22.28
C SER B 521 -17.72 -0.87 23.41
N THR B 522 -17.99 0.39 23.09
CA THR B 522 -18.25 1.46 24.12
C THR B 522 -19.48 1.03 24.95
N VAL B 523 -20.43 0.31 24.35
CA VAL B 523 -21.47 -0.51 25.05
C VAL B 523 -21.52 -1.90 24.40
N SER B 524 -22.08 -2.87 25.13
CA SER B 524 -22.20 -4.27 24.70
C SER B 524 -23.12 -4.39 23.49
N GLY B 525 -22.84 -5.34 22.62
CA GLY B 525 -23.83 -5.82 21.66
C GLY B 525 -24.98 -6.52 22.34
N ASN B 526 -26.10 -6.64 21.64
CA ASN B 526 -27.34 -7.29 22.11
C ASN B 526 -27.16 -8.78 21.88
N ARG B 527 -26.36 -9.44 22.73
CA ARG B 527 -25.99 -10.86 22.58
C ARG B 527 -27.06 -11.69 23.25
N ASP B 528 -28.07 -12.09 22.48
CA ASP B 528 -29.29 -12.72 23.02
C ASP B 528 -28.96 -14.01 23.76
N ARG B 529 -27.98 -14.78 23.27
CA ARG B 529 -27.63 -16.06 23.95
C ARG B 529 -27.26 -15.81 25.40
N ASP B 530 -26.46 -14.79 25.65
CA ASP B 530 -25.90 -14.47 27.00
C ASP B 530 -27.03 -13.93 27.90
N VAL B 531 -27.92 -13.12 27.32
CA VAL B 531 -29.13 -12.61 28.05
C VAL B 531 -29.99 -13.80 28.47
N LYS B 532 -30.31 -14.72 27.54
CA LYS B 532 -31.21 -15.87 27.80
C LYS B 532 -30.54 -16.79 28.83
N ASN B 533 -29.23 -16.96 28.75
CA ASN B 533 -28.43 -17.84 29.64
C ASN B 533 -28.14 -17.17 31.00
N LYS B 534 -28.48 -15.89 31.13
CA LYS B 534 -28.06 -15.02 32.27
C LYS B 534 -26.57 -15.26 32.53
N PHE B 535 -25.73 -15.06 31.52
CA PHE B 535 -24.29 -15.39 31.59
C PHE B 535 -23.52 -14.32 32.38
N VAL B 536 -22.72 -14.78 33.36
CA VAL B 536 -21.75 -13.93 34.13
C VAL B 536 -20.40 -14.64 34.12
N TYR B 537 -19.29 -13.88 34.03
CA TYR B 537 -17.93 -14.45 34.11
C TYR B 537 -17.81 -15.21 35.42
N PRO B 538 -17.28 -16.44 35.39
CA PRO B 538 -17.09 -17.23 36.61
C PRO B 538 -15.74 -16.99 37.28
N PHE B 539 -14.96 -16.03 36.79
CA PHE B 539 -13.60 -15.72 37.32
C PHE B 539 -13.30 -14.26 37.00
N GLY B 540 -12.23 -13.73 37.61
CA GLY B 540 -11.86 -12.31 37.54
C GLY B 540 -11.02 -12.00 36.34
N MET B 541 -10.81 -10.70 36.12
CA MET B 541 -9.96 -10.09 35.07
C MET B 541 -8.78 -9.40 35.75
N PRO B 542 -7.67 -10.13 36.01
CA PRO B 542 -6.59 -9.57 36.82
C PRO B 542 -5.93 -8.34 36.20
N ILE B 543 -5.85 -8.21 34.87
CA ILE B 543 -5.19 -7.05 34.19
C ILE B 543 -5.98 -5.77 34.49
N VAL B 544 -7.29 -5.80 34.38
CA VAL B 544 -8.16 -4.65 34.77
C VAL B 544 -8.44 -4.86 36.27
N GLN B 545 -7.37 -4.87 37.09
CA GLN B 545 -7.45 -4.78 38.57
C GLN B 545 -6.88 -3.44 38.99
N ARG B 546 -7.80 -2.50 39.22
CA ARG B 546 -7.59 -1.03 39.26
C ARG B 546 -8.97 -0.36 39.09
N TYR B 547 -9.72 -0.73 38.04
CA TYR B 547 -10.90 0.00 37.48
C TYR B 547 -12.19 -0.33 38.23
N LEU B 548 -12.46 -1.63 38.42
CA LEU B 548 -13.81 -2.16 38.74
C LEU B 548 -14.17 -1.84 40.20
N ARG B 549 -13.37 -1.00 40.88
CA ARG B 549 -13.63 -0.35 42.21
C ARG B 549 -14.32 -1.32 43.16
N GLY B 550 -15.46 -1.91 42.77
CA GLY B 550 -16.07 -3.08 43.41
C GLY B 550 -15.41 -4.37 42.97
N THR B 551 -16.21 -5.41 42.70
CA THR B 551 -15.77 -6.83 42.54
C THR B 551 -15.66 -7.17 41.04
N ALA B 552 -14.66 -7.99 40.66
CA ALA B 552 -14.39 -8.46 39.28
C ALA B 552 -15.03 -9.83 39.04
N GLU B 553 -15.66 -10.41 40.07
CA GLU B 553 -16.55 -11.60 39.99
C GLU B 553 -18.01 -11.13 39.89
N GLY B 554 -18.38 -10.10 40.67
CA GLY B 554 -19.74 -9.54 40.75
C GLY B 554 -19.93 -8.36 39.80
N MET B 555 -19.41 -8.45 38.57
CA MET B 555 -19.67 -7.51 37.44
C MET B 555 -19.83 -8.30 36.14
N SER B 556 -21.09 -8.54 35.74
CA SER B 556 -21.57 -9.58 34.79
C SER B 556 -20.87 -9.48 33.43
N LEU B 557 -21.14 -8.40 32.68
CA LEU B 557 -20.68 -8.18 31.27
C LEU B 557 -21.05 -6.76 30.83
N ASN B 558 -22.24 -6.26 31.19
CA ASN B 558 -22.72 -4.90 30.88
C ASN B 558 -22.00 -3.87 31.78
N ASN B 559 -21.75 -4.22 33.04
CA ASN B 559 -21.19 -3.31 34.08
C ASN B 559 -19.68 -3.14 33.86
N ILE B 560 -19.02 -4.14 33.25
CA ILE B 560 -17.55 -4.15 32.95
C ILE B 560 -17.31 -3.21 31.75
N TYR B 561 -18.11 -3.36 30.68
CA TYR B 561 -18.24 -2.41 29.53
C TYR B 561 -18.57 -1.01 30.08
N GLY B 562 -19.42 -0.95 31.12
CA GLY B 562 -19.92 0.27 31.78
C GLY B 562 -18.80 1.11 32.38
N ALA B 563 -17.89 0.46 33.13
CA ALA B 563 -16.72 1.09 33.81
C ALA B 563 -15.75 1.65 32.76
N SER B 564 -15.81 1.18 31.53
CA SER B 564 -14.92 1.63 30.43
C SER B 564 -15.42 2.94 29.82
N LYS B 565 -14.63 3.48 28.93
CA LYS B 565 -14.87 4.78 28.32
C LYS B 565 -15.87 4.60 27.19
N GLN B 566 -16.99 5.25 27.35
CA GLN B 566 -17.97 5.41 26.24
C GLN B 566 -17.49 6.52 25.31
N LYS B 567 -16.96 7.64 25.84
CA LYS B 567 -16.73 8.90 25.07
C LYS B 567 -15.33 8.92 24.45
N ILE B 568 -14.91 7.80 23.87
CA ILE B 568 -13.66 7.74 23.05
C ILE B 568 -13.77 8.81 21.97
N SER B 569 -12.72 9.59 21.78
CA SER B 569 -12.61 10.60 20.68
C SER B 569 -11.27 10.37 19.97
N PRO B 570 -11.01 11.06 18.83
CA PRO B 570 -9.69 11.05 18.20
C PRO B 570 -8.55 11.33 19.16
N ARG B 571 -8.81 12.13 20.22
CA ARG B 571 -7.70 12.57 21.12
C ARG B 571 -7.20 11.34 21.87
N ASP B 572 -8.13 10.42 22.14
CA ASP B 572 -7.84 9.13 22.80
C ASP B 572 -6.81 8.39 21.97
N ILE B 573 -6.94 8.41 20.64
CA ILE B 573 -5.99 7.72 19.71
C ILE B 573 -4.63 8.42 19.84
N GLU B 574 -4.59 9.75 19.74
CA GLU B 574 -3.35 10.55 19.89
C GLU B 574 -2.67 10.28 21.24
N GLU B 575 -3.46 10.14 22.30
CA GLU B 575 -2.95 10.06 23.70
C GLU B 575 -2.39 8.69 23.96
N ILE B 576 -3.06 7.64 23.43
CA ILE B 576 -2.48 6.27 23.53
C ILE B 576 -1.13 6.30 22.79
N ALA B 577 -1.06 6.91 21.61
CA ALA B 577 0.16 6.97 20.78
C ALA B 577 1.32 7.63 21.56
N ALA B 578 1.08 8.82 22.12
CA ALA B 578 2.10 9.65 22.82
C ALA B 578 2.53 8.92 24.09
N HIS B 579 1.57 8.38 24.88
CA HIS B 579 1.92 7.70 26.15
C HIS B 579 2.78 6.46 25.90
N SER B 580 2.29 5.53 25.04
CA SER B 580 2.86 4.17 24.83
C SER B 580 4.22 4.28 24.16
N GLY B 581 4.34 5.24 23.25
CA GLY B 581 5.49 5.19 22.32
C GLY B 581 5.49 3.87 21.59
N LEU B 582 4.31 3.27 21.39
CA LEU B 582 4.20 2.04 20.58
C LEU B 582 3.23 2.33 19.43
N PRO B 583 3.34 1.59 18.33
CA PRO B 583 2.31 1.68 17.29
C PRO B 583 0.93 1.29 17.84
N VAL B 584 -0.08 2.09 17.49
CA VAL B 584 -1.49 1.89 17.91
C VAL B 584 -2.31 1.42 16.70
N PHE B 585 -2.96 0.30 16.87
CA PHE B 585 -4.00 -0.18 15.91
C PHE B 585 -5.33 0.34 16.45
N VAL B 586 -6.25 0.81 15.61
CA VAL B 586 -7.64 1.09 16.02
C VAL B 586 -8.48 -0.05 15.47
N LYS B 587 -9.06 -0.83 16.38
CA LYS B 587 -9.81 -2.05 16.07
C LYS B 587 -11.32 -1.83 16.14
N GLY B 588 -12.00 -2.36 15.11
CA GLY B 588 -13.46 -2.28 15.01
C GLY B 588 -13.89 -1.46 13.82
N ILE B 589 -12.98 -1.04 12.98
CA ILE B 589 -13.30 -0.14 11.86
C ILE B 589 -14.05 -0.92 10.79
N GLN B 590 -15.14 -0.33 10.30
CA GLN B 590 -15.95 -0.88 9.20
C GLN B 590 -16.25 0.19 8.16
N HIS B 591 -16.03 1.44 8.46
CA HIS B 591 -16.34 2.56 7.55
C HIS B 591 -15.03 3.21 7.19
N PRO B 592 -14.80 3.52 5.90
CA PRO B 592 -13.53 4.13 5.48
C PRO B 592 -13.21 5.48 6.15
N GLU B 593 -14.23 6.29 6.45
CA GLU B 593 -13.97 7.61 7.09
C GLU B 593 -13.31 7.40 8.44
N ASP B 594 -13.67 6.37 9.18
CA ASP B 594 -13.04 6.14 10.49
C ASP B 594 -11.57 5.74 10.32
N ALA B 595 -11.24 5.05 9.22
CA ALA B 595 -9.85 4.68 8.94
C ALA B 595 -9.05 5.95 8.68
N ASP B 596 -9.55 6.86 7.87
CA ASP B 596 -8.87 8.13 7.58
C ASP B 596 -8.71 8.94 8.89
N MET B 597 -9.78 9.03 9.68
CA MET B 597 -9.75 9.76 10.97
C MET B 597 -8.67 9.16 11.83
N ALA B 598 -8.65 7.83 11.99
CA ALA B 598 -7.76 7.14 12.93
C ALA B 598 -6.33 7.45 12.53
N ILE B 599 -6.01 7.38 11.24
CA ILE B 599 -4.64 7.62 10.76
C ILE B 599 -4.28 9.08 11.03
N LYS B 600 -5.20 10.00 10.82
CA LYS B 600 -4.86 11.43 10.99
C LYS B 600 -4.66 11.70 12.49
N ARG B 601 -5.25 10.89 13.36
CA ARG B 601 -5.15 11.04 14.83
C ARG B 601 -3.97 10.28 15.40
N GLY B 602 -3.15 9.62 14.56
CA GLY B 602 -1.87 9.06 14.94
C GLY B 602 -1.90 7.55 15.07
N ALA B 603 -2.94 6.87 14.57
CA ALA B 603 -2.91 5.39 14.52
C ALA B 603 -1.79 4.92 13.59
N SER B 604 -1.15 3.83 13.96
CA SER B 604 -0.07 3.18 13.18
C SER B 604 -0.59 1.95 12.44
N GLY B 605 -1.88 1.67 12.57
CA GLY B 605 -2.51 0.52 11.90
C GLY B 605 -4.01 0.57 12.02
N ILE B 606 -4.68 -0.05 11.06
CA ILE B 606 -6.18 -0.13 11.00
C ILE B 606 -6.56 -1.59 11.15
N TRP B 607 -7.41 -1.90 12.11
CA TRP B 607 -7.84 -3.28 12.37
C TRP B 607 -9.33 -3.34 12.02
N VAL B 608 -9.55 -3.83 10.82
CA VAL B 608 -10.90 -3.98 10.23
C VAL B 608 -11.58 -5.14 10.94
N SER B 609 -12.72 -4.89 11.56
CA SER B 609 -13.36 -5.89 12.43
C SER B 609 -14.79 -5.44 12.70
N ASN B 610 -15.67 -6.41 12.97
CA ASN B 610 -16.95 -6.11 13.69
C ASN B 610 -16.99 -6.99 14.93
N HIS B 611 -15.79 -7.31 15.46
CA HIS B 611 -15.74 -8.02 16.75
C HIS B 611 -16.45 -9.35 16.61
N GLY B 612 -16.34 -10.05 15.46
CA GLY B 612 -16.96 -11.38 15.40
C GLY B 612 -18.48 -11.28 15.43
N ALA B 613 -19.04 -10.18 14.99
CA ALA B 613 -20.49 -9.90 14.99
C ALA B 613 -21.07 -9.80 16.41
N ARG B 614 -20.23 -9.55 17.41
CA ARG B 614 -20.69 -9.49 18.82
C ARG B 614 -21.15 -8.10 19.23
N GLN B 615 -21.02 -7.11 18.34
CA GLN B 615 -21.35 -5.72 18.68
C GLN B 615 -22.56 -5.27 17.84
N LEU B 616 -22.40 -4.35 16.92
CA LEU B 616 -23.57 -3.79 16.21
C LEU B 616 -24.23 -4.85 15.29
N TYR B 617 -25.51 -5.02 15.51
CA TYR B 617 -26.40 -5.94 14.75
C TYR B 617 -26.87 -5.27 13.46
N GLU B 618 -27.14 -6.08 12.43
CA GLU B 618 -27.78 -5.62 11.18
C GLU B 618 -26.82 -4.66 10.50
N ALA B 619 -25.55 -5.06 10.54
CA ALA B 619 -24.40 -4.41 9.93
C ALA B 619 -23.85 -5.36 8.85
N PRO B 620 -23.00 -4.87 7.95
CA PRO B 620 -22.43 -5.74 6.91
C PRO B 620 -21.55 -6.85 7.48
N GLY B 621 -21.40 -7.91 6.71
CA GLY B 621 -20.30 -8.86 6.92
C GLY B 621 -18.99 -8.15 6.77
N SER B 622 -18.07 -8.40 7.69
CA SER B 622 -16.82 -7.64 7.77
C SER B 622 -16.03 -7.65 6.45
N PHE B 623 -15.93 -8.79 5.77
CA PHE B 623 -15.12 -8.87 4.52
C PHE B 623 -15.66 -7.90 3.47
N ASP B 624 -16.98 -7.68 3.44
CA ASP B 624 -17.57 -6.74 2.46
C ASP B 624 -17.08 -5.32 2.66
N THR B 625 -16.62 -4.97 3.86
CA THR B 625 -16.21 -3.58 4.19
C THR B 625 -14.74 -3.35 3.84
N LEU B 626 -13.99 -4.43 3.61
CA LEU B 626 -12.51 -4.36 3.58
C LEU B 626 -12.03 -3.55 2.38
N PRO B 627 -12.49 -3.79 1.12
CA PRO B 627 -11.92 -3.04 0.01
C PRO B 627 -12.07 -1.53 0.14
N ALA B 628 -13.24 -1.03 0.55
CA ALA B 628 -13.43 0.42 0.67
C ALA B 628 -12.43 0.99 1.70
N ILE B 629 -12.20 0.29 2.77
CA ILE B 629 -11.22 0.71 3.80
C ILE B 629 -9.82 0.64 3.24
N ALA B 630 -9.44 -0.43 2.54
CA ALA B 630 -8.08 -0.55 1.98
C ALA B 630 -7.84 0.55 0.99
N GLU B 631 -8.86 0.87 0.18
CA GLU B 631 -8.68 1.95 -0.82
C GLU B 631 -8.46 3.29 -0.14
N ARG B 632 -9.16 3.54 0.96
CA ARG B 632 -9.06 4.84 1.66
C ARG B 632 -7.70 4.90 2.39
N VAL B 633 -7.33 3.83 3.07
CA VAL B 633 -6.01 3.76 3.76
C VAL B 633 -4.89 3.98 2.74
N ASN B 634 -5.01 3.36 1.56
CA ASN B 634 -4.06 3.58 0.45
C ASN B 634 -2.59 3.51 0.96
N LYS B 635 -2.30 2.41 1.62
CA LYS B 635 -0.93 1.96 2.00
C LYS B 635 -0.41 2.75 3.20
N ARG B 636 -1.16 3.71 3.77
CA ARG B 636 -0.55 4.61 4.78
C ARG B 636 -0.08 3.84 5.99
N VAL B 637 -0.82 2.84 6.39
CA VAL B 637 -0.54 2.01 7.60
C VAL B 637 -0.98 0.61 7.29
N PRO B 638 -0.38 -0.38 7.98
CA PRO B 638 -0.81 -1.75 7.84
C PRO B 638 -2.28 -1.98 8.24
N ILE B 639 -2.90 -2.93 7.58
CA ILE B 639 -4.29 -3.37 7.90
C ILE B 639 -4.27 -4.80 8.42
N VAL B 640 -4.89 -4.97 9.57
CA VAL B 640 -5.28 -6.28 10.11
C VAL B 640 -6.76 -6.45 9.77
N PHE B 641 -7.16 -7.62 9.29
CA PHE B 641 -8.57 -7.93 9.03
C PHE B 641 -9.00 -9.09 9.93
N ASP B 642 -10.18 -8.97 10.50
CA ASP B 642 -10.82 -10.14 11.15
C ASP B 642 -12.35 -10.06 10.98
N SER B 643 -12.98 -11.10 11.52
CA SER B 643 -14.40 -11.37 11.78
C SER B 643 -14.90 -12.32 10.70
N GLY B 644 -14.74 -13.61 10.99
CA GLY B 644 -15.27 -14.69 10.14
C GLY B 644 -14.21 -15.49 9.39
N VAL B 645 -12.92 -15.31 9.63
CA VAL B 645 -11.87 -16.14 8.96
C VAL B 645 -12.00 -17.59 9.43
N ARG B 646 -12.27 -18.52 8.50
CA ARG B 646 -12.48 -19.96 8.87
C ARG B 646 -11.61 -20.88 8.01
N ARG B 647 -11.08 -20.38 6.90
CA ARG B 647 -10.41 -21.20 5.89
C ARG B 647 -9.18 -20.51 5.33
N GLY B 648 -8.23 -21.28 4.79
CA GLY B 648 -7.15 -20.67 4.01
C GLY B 648 -7.61 -19.76 2.92
N GLU B 649 -8.69 -20.13 2.25
CA GLU B 649 -9.22 -19.27 1.16
C GLU B 649 -9.59 -17.90 1.69
N HIS B 650 -10.02 -17.83 2.94
CA HIS B 650 -10.40 -16.53 3.55
C HIS B 650 -9.17 -15.67 3.80
N VAL B 651 -8.07 -16.27 4.24
CA VAL B 651 -6.80 -15.54 4.45
C VAL B 651 -6.40 -14.99 3.10
N ALA B 652 -6.42 -15.84 2.06
CA ALA B 652 -5.97 -15.38 0.74
C ALA B 652 -6.84 -14.23 0.23
N LYS B 653 -8.15 -14.35 0.35
CA LYS B 653 -9.10 -13.30 -0.13
C LYS B 653 -8.92 -11.98 0.64
N ALA B 654 -8.59 -12.04 1.93
CA ALA B 654 -8.34 -10.85 2.76
C ALA B 654 -7.09 -10.15 2.23
N LEU B 655 -6.03 -10.91 1.98
CA LEU B 655 -4.78 -10.33 1.46
C LEU B 655 -4.98 -9.75 0.09
N ALA B 656 -5.72 -10.47 -0.76
CA ALA B 656 -5.97 -10.00 -2.14
C ALA B 656 -6.78 -8.69 -2.09
N SER B 657 -7.47 -8.44 -1.02
CA SER B 657 -8.39 -7.30 -0.86
C SER B 657 -7.76 -6.19 0.00
N GLY B 658 -6.49 -6.27 0.39
CA GLY B 658 -5.81 -5.14 1.05
C GLY B 658 -5.36 -5.40 2.47
N ALA B 659 -5.71 -6.51 3.15
CA ALA B 659 -5.18 -6.78 4.48
C ALA B 659 -3.73 -7.21 4.38
N ASP B 660 -2.91 -6.82 5.36
CA ASP B 660 -1.53 -7.34 5.49
C ASP B 660 -1.56 -8.70 6.17
N VAL B 661 -2.36 -8.85 7.20
CA VAL B 661 -2.58 -10.13 7.90
C VAL B 661 -4.04 -10.20 8.28
N VAL B 662 -4.47 -11.37 8.73
CA VAL B 662 -5.78 -11.55 9.36
C VAL B 662 -5.56 -11.95 10.80
N ALA B 663 -6.57 -11.76 11.60
CA ALA B 663 -6.59 -12.30 12.97
C ALA B 663 -7.60 -13.41 13.09
N LEU B 664 -7.21 -14.44 13.83
CA LEU B 664 -8.02 -15.64 14.08
C LEU B 664 -8.61 -15.58 15.48
N GLY B 665 -9.84 -16.04 15.61
CA GLY B 665 -10.57 -15.93 16.87
C GLY B 665 -11.21 -17.24 17.30
N ARG B 666 -12.50 -17.35 17.05
CA ARG B 666 -13.29 -18.49 17.57
C ARG B 666 -12.64 -19.82 17.23
N PRO B 667 -12.21 -20.12 16.00
CA PRO B 667 -11.64 -21.43 15.71
C PRO B 667 -10.47 -21.79 16.65
N VAL B 668 -9.61 -20.84 16.98
CA VAL B 668 -8.45 -21.11 17.88
C VAL B 668 -9.00 -21.44 19.26
N LEU B 669 -10.02 -20.70 19.73
CA LEU B 669 -10.58 -20.97 21.06
C LEU B 669 -11.22 -22.32 21.06
N PHE B 670 -11.90 -22.73 19.99
CA PHE B 670 -12.66 -23.99 20.10
C PHE B 670 -11.77 -24.96 20.89
N GLY B 671 -11.40 -24.50 22.13
CA GLY B 671 -10.73 -25.26 23.23
C GLY B 671 -11.79 -26.06 23.95
N LEU B 672 -13.09 -25.83 23.67
CA LEU B 672 -14.33 -26.09 24.53
C LEU B 672 -15.62 -26.61 23.79
N ALA B 673 -15.81 -26.42 22.48
CA ALA B 673 -17.14 -26.27 21.82
C ALA B 673 -18.04 -27.54 21.72
N LEU B 674 -19.36 -27.45 21.95
CA LEU B 674 -20.41 -28.52 21.99
C LEU B 674 -19.90 -29.97 22.19
N GLY B 675 -19.69 -30.82 21.16
CA GLY B 675 -19.56 -32.30 21.22
C GLY B 675 -18.29 -32.87 21.87
N GLY B 676 -17.14 -32.99 21.15
CA GLY B 676 -15.79 -33.41 21.64
C GLY B 676 -14.65 -32.44 21.26
N TRP B 677 -13.66 -32.23 22.14
CA TRP B 677 -12.91 -30.94 22.34
C TRP B 677 -11.82 -30.68 21.29
N GLN B 678 -11.75 -29.46 20.72
CA GLN B 678 -10.85 -29.17 19.57
C GLN B 678 -10.70 -27.65 19.27
N GLY B 679 -9.54 -27.02 19.60
CA GLY B 679 -9.06 -25.70 19.09
C GLY B 679 -7.93 -25.07 19.93
N ALA B 680 -6.75 -24.66 19.20
CA ALA B 680 -5.25 -24.64 19.51
C ALA B 680 -4.07 -24.56 18.45
N TYR B 681 -2.86 -25.12 18.72
CA TYR B 681 -1.75 -25.26 17.76
C TYR B 681 -2.21 -26.02 16.51
N SER B 682 -3.00 -27.08 16.67
CA SER B 682 -3.54 -27.86 15.52
C SER B 682 -4.32 -26.92 14.59
N VAL B 683 -5.05 -25.94 15.15
CA VAL B 683 -5.84 -25.01 14.33
C VAL B 683 -4.91 -24.07 13.56
N LEU B 684 -3.88 -23.56 14.20
CA LEU B 684 -2.90 -22.67 13.53
C LEU B 684 -2.23 -23.44 12.40
N ASP B 685 -1.87 -24.71 12.65
CA ASP B 685 -1.18 -25.57 11.67
C ASP B 685 -2.14 -25.85 10.50
N TYR B 686 -3.40 -26.11 10.80
CA TYR B 686 -4.47 -26.27 9.78
C TYR B 686 -4.46 -25.06 8.86
N PHE B 687 -4.56 -23.88 9.44
CA PHE B 687 -4.63 -22.64 8.63
C PHE B 687 -3.39 -22.51 7.75
N GLN B 688 -2.20 -22.79 8.27
CA GLN B 688 -0.96 -22.69 7.47
C GLN B 688 -1.00 -23.66 6.29
N LYS B 689 -1.41 -24.90 6.53
CA LYS B 689 -1.42 -25.94 5.46
C LYS B 689 -2.53 -25.63 4.45
N ASP B 690 -3.65 -25.12 4.95
CA ASP B 690 -4.82 -24.80 4.08
C ASP B 690 -4.41 -23.62 3.17
N LEU B 691 -3.74 -22.64 3.74
CA LEU B 691 -3.25 -21.49 2.95
C LEU B 691 -2.23 -21.96 1.93
N THR B 692 -1.31 -22.87 2.31
CA THR B 692 -0.31 -23.39 1.37
C THR B 692 -0.99 -24.01 0.14
N ARG B 693 -2.04 -24.79 0.33
CA ARG B 693 -2.76 -25.38 -0.80
C ARG B 693 -3.28 -24.27 -1.70
N VAL B 694 -3.97 -23.33 -1.10
CA VAL B 694 -4.60 -22.24 -1.87
C VAL B 694 -3.51 -21.46 -2.62
N MET B 695 -2.38 -21.19 -2.00
CA MET B 695 -1.25 -20.52 -2.72
C MET B 695 -0.85 -21.36 -3.95
N GLN B 696 -0.74 -22.68 -3.79
CA GLN B 696 -0.27 -23.51 -4.93
C GLN B 696 -1.29 -23.41 -6.07
N LEU B 697 -2.60 -23.43 -5.72
CA LEU B 697 -3.67 -23.54 -6.74
C LEU B 697 -3.93 -22.18 -7.38
N THR B 698 -3.53 -21.10 -6.70
CA THR B 698 -3.69 -19.74 -7.27
C THR B 698 -2.45 -19.22 -7.92
N GLY B 699 -1.38 -20.00 -7.99
CA GLY B 699 -0.14 -19.53 -8.63
C GLY B 699 0.69 -18.60 -7.76
N SER B 700 0.56 -18.72 -6.46
CA SER B 700 1.16 -17.79 -5.48
C SER B 700 2.36 -18.44 -4.80
N GLN B 701 3.54 -17.93 -5.05
CA GLN B 701 4.80 -18.50 -4.49
C GLN B 701 4.96 -17.99 -3.04
N ASN B 702 4.42 -16.81 -2.75
CA ASN B 702 4.70 -16.13 -1.48
C ASN B 702 3.54 -15.20 -1.16
N VAL B 703 3.59 -14.62 0.04
CA VAL B 703 2.44 -13.86 0.57
C VAL B 703 2.23 -12.61 -0.28
N GLU B 704 3.29 -12.04 -0.80
CA GLU B 704 3.16 -10.84 -1.64
C GLU B 704 2.35 -11.22 -2.88
N ASP B 705 2.57 -12.39 -3.44
CA ASP B 705 1.81 -12.81 -4.65
C ASP B 705 0.31 -12.81 -4.31
N LEU B 706 -0.09 -13.30 -3.14
CA LEU B 706 -1.52 -13.33 -2.76
C LEU B 706 -2.10 -11.92 -2.82
N LYS B 707 -1.32 -10.90 -2.48
CA LYS B 707 -1.85 -9.52 -2.45
C LYS B 707 -2.20 -9.07 -3.88
N GLY B 708 -1.64 -9.71 -4.93
CA GLY B 708 -1.90 -9.33 -6.32
C GLY B 708 -3.01 -10.13 -6.97
N LEU B 709 -3.72 -11.02 -6.26
CA LEU B 709 -4.78 -11.84 -6.89
C LEU B 709 -5.98 -10.97 -7.26
N ASP B 710 -6.51 -11.26 -8.44
CA ASP B 710 -7.83 -10.74 -8.89
C ASP B 710 -8.85 -11.76 -8.43
N LEU B 711 -9.97 -11.27 -7.93
CA LEU B 711 -11.09 -12.13 -7.48
C LEU B 711 -12.26 -12.00 -8.45
N PHE B 712 -13.05 -13.04 -8.50
CA PHE B 712 -14.27 -13.11 -9.33
C PHE B 712 -15.41 -12.52 -8.51
N ASP B 713 -16.09 -11.53 -9.05
CA ASP B 713 -17.27 -10.93 -8.37
C ASP B 713 -18.49 -11.83 -8.58
N ASN B 714 -19.06 -12.33 -7.49
CA ASN B 714 -20.27 -13.14 -7.46
C ASN B 714 -21.43 -12.25 -7.04
N PRO B 715 -22.20 -11.71 -8.00
CA PRO B 715 -23.35 -10.85 -7.64
C PRO B 715 -24.54 -11.61 -7.07
N TYR B 716 -24.60 -12.93 -7.24
CA TYR B 716 -25.70 -13.77 -6.75
C TYR B 716 -25.52 -14.09 -5.25
N GLY B 717 -24.35 -13.85 -4.69
CA GLY B 717 -24.12 -14.13 -3.24
C GLY B 717 -24.27 -15.62 -2.93
N TYR B 718 -24.67 -15.95 -1.72
CA TYR B 718 -24.45 -17.30 -1.16
C TYR B 718 -25.24 -18.39 -1.90
N GLU B 719 -26.50 -18.16 -2.26
CA GLU B 719 -27.32 -19.20 -2.87
C GLU B 719 -26.97 -19.39 -4.36
N TYR B 720 -26.25 -18.44 -5.00
CA TYR B 720 -25.75 -18.62 -6.40
C TYR B 720 -26.79 -18.86 -7.55
#